data_3PJQ
#
_entry.id   3PJQ
#
_cell.length_a   54.391
_cell.length_b   130.217
_cell.length_c   54.529
_cell.angle_alpha   90.000
_cell.angle_beta   107.900
_cell.angle_gamma   90.000
#
_symmetry.space_group_name_H-M   'P 1 21 1'
#
loop_
_entity.id
_entity.type
_entity.pdbx_description
1 polymer Trans-sialidase
2 branched beta-D-galactopyranose-(1-4)-alpha-D-glucopyranose
3 water water
#
_entity_poly.entity_id   1
_entity_poly.type   'polypeptide(L)'
_entity_poly.pdbx_seq_one_letter_code
;MGGSHHHHHHGMASLAPGSSRVELFKRQSSKVPFEKDGKVTERVVHSFRLPALVNVDGVMVAIADARYETSFDNSLIDTV
AKYSVDDGETWETQIAIKNSRASSVSRVVDPTVIVKGNKLYVLVGSYNSSRSYWTSHGDARDWDILLAVGEVTKSTAGGK
ITASIKWGSPVSLKEFFPAEMEGMHTNQFLGGAGVAIVASNGNLVYPVQVTNKKKQVFSKIFYSEDEGKTWKFGKGRSAF
GCSEPVALEWEGKLIINTRVDYRRRLVYESSDMGNTWLEAVGTLSRVWGPSPKSNQPGSQSSFTAVTIEGMRVMLFTHPL
NFKGRWLRDRLNLWLTDNQRIYNVGQVSIGDENSAHSSVLYKDDKLYCLHEINSNEVYSLVFARLVGELRIIKSVLQSWK
NWDSHLSSICTPADPAASSSERGCGPAVTTVGLVGFLSHSATKTEWEDAYRCVNASTANAERVPNGLKFAGVGGGALWPV
SQQGQNQRYHFANHAFTLVASVTIHEVPKGASPLLGASLDSSGGKKLLGLSYDKRHQWQPIYGSTPVTPTGSWEMGKRYH
VVLTMANKIGSVYIDGEPLEGSGQTVVPDERTPDISHFYVGGYKRSGMPTDSRVTVNNVLLYNRQLNAEEIRTLFLSQDL
IGTEAHMD
;
_entity_poly.pdbx_strand_id   A
#
loop_
_chem_comp.id
_chem_comp.type
_chem_comp.name
_chem_comp.formula
GAL D-saccharide, beta linking beta-D-galactopyranose 'C6 H12 O6'
GLC D-saccharide, alpha linking alpha-D-glucopyranose 'C6 H12 O6'
#
# COMPACT_ATOMS: atom_id res chain seq x y z
N ALA A 13 13.98 14.30 -3.83
CA ALA A 13 13.89 13.79 -5.24
C ALA A 13 14.72 12.55 -5.43
N SER A 14 14.06 11.41 -5.45
CA SER A 14 14.78 10.15 -5.64
C SER A 14 14.73 9.59 -7.08
N LEU A 15 14.30 10.32 -8.12
CA LEU A 15 14.31 9.63 -9.44
C LEU A 15 15.70 8.99 -9.61
N ALA A 16 15.74 7.64 -9.63
CA ALA A 16 16.94 6.88 -9.21
C ALA A 16 18.05 6.94 -10.24
N PRO A 17 19.27 6.54 -9.84
CA PRO A 17 20.34 6.45 -10.81
C PRO A 17 19.95 5.60 -12.03
N GLY A 18 20.08 6.22 -13.20
CA GLY A 18 19.92 5.52 -14.47
C GLY A 18 18.47 5.61 -14.89
N SER A 19 17.63 6.05 -13.98
CA SER A 19 16.26 6.40 -14.34
C SER A 19 16.34 7.80 -14.96
N SER A 20 15.38 8.13 -15.82
CA SER A 20 15.35 9.47 -16.43
C SER A 20 13.91 9.79 -16.84
N ARG A 21 13.69 10.93 -17.47
CA ARG A 21 12.31 11.22 -17.92
C ARG A 21 12.15 12.24 -19.01
N VAL A 22 10.94 12.29 -19.59
CA VAL A 22 10.58 13.37 -20.53
C VAL A 22 9.25 13.96 -20.11
N GLU A 23 8.90 15.07 -20.73
CA GLU A 23 7.66 15.74 -20.46
C GLU A 23 6.76 15.43 -21.60
N LEU A 24 6.05 14.31 -21.48
CA LEU A 24 5.26 13.74 -22.58
C LEU A 24 4.07 14.59 -23.03
N PHE A 25 3.26 15.05 -22.08
CA PHE A 25 2.10 15.81 -22.35
C PHE A 25 2.44 17.15 -21.77
N LYS A 26 2.88 18.08 -22.60
CA LYS A 26 3.43 19.38 -22.17
C LYS A 26 2.33 20.41 -22.07
N ARG A 27 2.12 20.87 -20.84
CA ARG A 27 1.09 21.89 -20.58
C ARG A 27 1.31 23.06 -21.51
N GLN A 28 0.22 23.64 -22.04
CA GLN A 28 0.27 24.82 -22.88
C GLN A 28 1.23 24.69 -24.09
N SER A 29 1.35 23.50 -24.66
CA SER A 29 2.29 23.27 -25.72
C SER A 29 1.79 22.11 -26.53
N SER A 30 1.68 20.95 -25.89
CA SER A 30 1.18 19.77 -26.61
C SER A 30 -0.22 20.06 -27.17
N LYS A 31 -0.37 19.80 -28.47
CA LYS A 31 -1.69 19.97 -29.15
C LYS A 31 -2.45 18.65 -29.33
N VAL A 32 -3.75 18.71 -29.50
CA VAL A 32 -4.53 17.47 -29.77
C VAL A 32 -5.51 17.72 -30.93
N PRO A 33 -6.02 16.66 -31.59
CA PRO A 33 -7.00 16.94 -32.64
C PRO A 33 -8.41 17.21 -32.05
N PHE A 34 -8.74 18.48 -31.92
CA PHE A 34 -10.01 18.93 -31.31
C PHE A 34 -11.14 18.96 -32.33
N GLU A 35 -12.26 18.32 -32.00
CA GLU A 35 -13.34 18.18 -32.98
C GLU A 35 -14.56 18.92 -32.51
N LYS A 36 -15.18 19.66 -33.42
CA LYS A 36 -16.45 20.33 -33.13
C LYS A 36 -17.13 20.78 -34.41
N ASP A 37 -18.45 20.53 -34.46
CA ASP A 37 -19.29 20.77 -35.65
C ASP A 37 -18.77 20.18 -36.99
N GLY A 38 -18.20 18.98 -36.96
CA GLY A 38 -17.75 18.32 -38.19
C GLY A 38 -16.44 18.81 -38.76
N LYS A 39 -15.60 19.39 -37.88
CA LYS A 39 -14.32 20.03 -38.21
C LYS A 39 -13.31 19.68 -37.11
N VAL A 40 -12.16 19.11 -37.49
CA VAL A 40 -11.08 18.78 -36.59
C VAL A 40 -9.94 19.83 -36.67
N THR A 41 -9.56 20.45 -35.55
CA THR A 41 -8.39 21.35 -35.50
C THR A 41 -7.36 20.94 -34.43
N GLU A 42 -6.06 21.13 -34.74
CA GLU A 42 -4.98 20.96 -33.76
C GLU A 42 -5.02 22.07 -32.68
N ARG A 43 -5.34 21.75 -31.43
CA ARG A 43 -5.52 22.75 -30.36
C ARG A 43 -4.51 22.66 -29.19
N VAL A 44 -3.91 23.79 -28.80
CA VAL A 44 -2.92 23.78 -27.70
C VAL A 44 -3.74 23.46 -26.49
N VAL A 45 -3.22 22.57 -25.62
CA VAL A 45 -3.96 22.19 -24.41
C VAL A 45 -3.40 22.85 -23.14
N HIS A 46 -4.27 23.38 -22.29
CA HIS A 46 -3.82 23.96 -21.01
C HIS A 46 -3.08 22.99 -20.03
N SER A 47 -3.78 21.93 -19.64
CA SER A 47 -3.35 21.04 -18.59
C SER A 47 -3.76 19.64 -18.96
N PHE A 48 -2.87 18.69 -18.66
CA PHE A 48 -3.10 17.27 -18.87
C PHE A 48 -3.12 16.69 -17.47
N ARG A 49 -4.20 15.96 -17.15
CA ARG A 49 -4.37 15.36 -15.80
C ARG A 49 -4.89 13.93 -15.89
N LEU A 50 -4.93 13.23 -14.77
CA LEU A 50 -5.60 11.90 -14.65
CA LEU A 50 -5.62 11.90 -14.69
C LEU A 50 -4.95 10.84 -15.54
N PRO A 51 -3.63 10.71 -15.42
CA PRO A 51 -2.81 9.71 -16.21
C PRO A 51 -3.18 8.27 -15.93
N ALA A 52 -3.29 7.50 -17.00
CA ALA A 52 -3.66 6.09 -17.03
C ALA A 52 -2.71 5.47 -18.07
N LEU A 53 -1.80 4.59 -17.68
CA LEU A 53 -0.73 4.16 -18.62
C LEU A 53 -0.76 2.64 -18.77
N VAL A 54 -1.08 2.11 -19.94
CA VAL A 54 -1.22 0.64 -20.01
C VAL A 54 -0.46 0.00 -21.17
N ASN A 55 -0.39 -1.32 -21.12
CA ASN A 55 0.12 -2.12 -22.19
C ASN A 55 -1.03 -2.82 -22.93
N VAL A 56 -1.23 -2.52 -24.22
CA VAL A 56 -2.09 -3.38 -25.06
C VAL A 56 -1.29 -4.18 -26.09
N ASP A 57 -0.99 -5.44 -25.77
CA ASP A 57 -0.36 -6.33 -26.74
C ASP A 57 1.00 -5.76 -27.26
N GLY A 58 1.80 -5.12 -26.40
CA GLY A 58 2.98 -4.35 -26.87
C GLY A 58 2.73 -2.91 -27.39
N VAL A 59 1.51 -2.40 -27.30
CA VAL A 59 1.38 -0.99 -27.58
C VAL A 59 1.17 -0.25 -26.24
N MET A 60 2.16 0.59 -25.91
CA MET A 60 2.11 1.49 -24.76
C MET A 60 1.06 2.56 -25.01
N VAL A 61 -0.11 2.46 -24.37
CA VAL A 61 -1.14 3.54 -24.44
C VAL A 61 -1.15 4.48 -23.21
N ALA A 62 -1.16 5.80 -23.44
CA ALA A 62 -1.22 6.68 -22.31
C ALA A 62 -2.51 7.45 -22.41
N ILE A 63 -3.39 7.29 -21.43
CA ILE A 63 -4.70 8.01 -21.39
C ILE A 63 -4.79 9.08 -20.27
N ALA A 64 -5.52 10.19 -20.48
CA ALA A 64 -5.44 11.39 -19.63
C ALA A 64 -6.61 12.27 -19.94
N ASP A 65 -6.85 13.24 -19.08
CA ASP A 65 -7.76 14.41 -19.43
C ASP A 65 -6.97 15.34 -20.30
N ALA A 66 -7.62 15.89 -21.32
CA ALA A 66 -7.14 17.10 -21.99
C ALA A 66 -8.03 18.25 -21.44
N ARG A 67 -7.46 19.01 -20.49
CA ARG A 67 -8.18 20.12 -19.93
C ARG A 67 -7.79 21.38 -20.71
N TYR A 68 -8.60 21.70 -21.71
CA TYR A 68 -8.22 22.62 -22.76
C TYR A 68 -7.88 24.03 -22.31
N GLU A 69 -8.76 24.59 -21.45
CA GLU A 69 -8.76 26.01 -21.14
C GLU A 69 -8.12 26.36 -19.75
N THR A 70 -8.08 25.38 -18.87
CA THR A 70 -7.77 25.66 -17.49
C THR A 70 -7.71 24.34 -16.80
N SER A 71 -6.97 24.23 -15.72
CA SER A 71 -6.96 22.95 -14.99
C SER A 71 -8.18 22.77 -14.05
N PHE A 72 -9.09 23.74 -13.97
CA PHE A 72 -10.34 23.63 -13.14
C PHE A 72 -11.03 22.32 -13.53
N ASP A 73 -11.30 21.46 -12.56
CA ASP A 73 -12.07 20.24 -12.75
C ASP A 73 -13.35 20.45 -13.62
N ASN A 74 -14.11 21.49 -13.30
CA ASN A 74 -15.35 21.81 -14.02
C ASN A 74 -15.14 22.74 -15.22
N SER A 75 -14.35 22.27 -16.21
CA SER A 75 -14.09 23.07 -17.43
C SER A 75 -14.13 22.07 -18.55
N LEU A 76 -13.86 22.57 -19.73
CA LEU A 76 -13.94 21.83 -20.98
C LEU A 76 -12.87 20.73 -21.13
N ILE A 77 -13.31 19.48 -21.09
CA ILE A 77 -12.39 18.31 -21.05
C ILE A 77 -12.78 17.18 -22.03
N ASP A 78 -11.80 16.76 -22.86
CA ASP A 78 -11.92 15.60 -23.71
C ASP A 78 -10.91 14.54 -23.15
N THR A 79 -11.09 13.28 -23.53
CA THR A 79 -10.13 12.20 -23.05
C THR A 79 -9.13 12.02 -24.15
N VAL A 80 -7.87 12.41 -23.92
CA VAL A 80 -6.82 12.22 -24.95
C VAL A 80 -6.13 10.88 -24.77
N ALA A 81 -5.64 10.28 -25.84
CA ALA A 81 -4.74 9.14 -25.71
C ALA A 81 -3.48 9.34 -26.55
N LYS A 82 -2.36 8.80 -26.07
CA LYS A 82 -1.11 8.85 -26.87
C LYS A 82 -0.61 7.43 -26.95
N TYR A 83 -0.16 6.96 -28.10
CA TYR A 83 0.26 5.56 -28.13
C TYR A 83 1.57 5.36 -28.90
N SER A 84 2.41 4.48 -28.35
CA SER A 84 3.77 4.28 -28.83
C SER A 84 3.98 2.79 -29.13
N VAL A 85 4.63 2.45 -30.25
CA VAL A 85 4.96 1.05 -30.53
C VAL A 85 6.45 0.80 -30.34
N ASP A 86 7.17 1.72 -29.71
CA ASP A 86 8.60 1.55 -29.47
C ASP A 86 8.98 1.87 -28.06
N ASP A 87 8.06 1.60 -27.13
CA ASP A 87 8.32 1.71 -25.70
C ASP A 87 8.48 3.15 -25.24
N GLY A 88 7.72 4.02 -25.91
CA GLY A 88 7.68 5.43 -25.63
C GLY A 88 8.85 6.26 -26.10
N GLU A 89 9.42 5.93 -27.26
CA GLU A 89 10.30 6.87 -27.96
C GLU A 89 9.46 7.88 -28.77
N THR A 90 8.87 7.45 -29.88
CA THR A 90 7.84 8.26 -30.56
C THR A 90 6.38 7.91 -30.16
N TRP A 91 5.47 8.90 -30.18
CA TRP A 91 4.05 8.65 -29.92
C TRP A 91 3.10 9.29 -30.94
N GLU A 92 1.96 8.64 -31.17
CA GLU A 92 0.86 9.21 -31.95
C GLU A 92 -0.15 9.75 -30.93
N THR A 93 -0.87 10.80 -31.33
CA THR A 93 -1.83 11.45 -30.44
C THR A 93 -3.20 11.37 -31.08
N GLN A 94 -4.23 11.11 -30.29
CA GLN A 94 -5.61 11.32 -30.72
C GLN A 94 -6.43 11.69 -29.55
N ILE A 95 -7.67 12.10 -29.81
CA ILE A 95 -8.68 12.27 -28.78
C ILE A 95 -9.44 10.96 -28.66
N ALA A 96 -9.38 10.34 -27.51
CA ALA A 96 -10.05 9.06 -27.30
C ALA A 96 -11.55 9.24 -27.21
N ILE A 97 -12.01 10.13 -26.34
CA ILE A 97 -13.44 10.40 -26.15
C ILE A 97 -13.71 11.93 -26.13
N LYS A 98 -14.77 12.36 -26.79
CA LYS A 98 -15.16 13.78 -26.71
C LYS A 98 -16.46 13.98 -25.91
N ASN A 99 -16.49 15.06 -25.11
CA ASN A 99 -17.71 15.44 -24.39
C ASN A 99 -18.84 15.83 -25.33
N SER A 100 -19.99 16.20 -24.73
CA SER A 100 -21.24 16.48 -25.40
C SER A 100 -21.24 17.72 -26.27
N ARG A 101 -20.25 18.57 -26.04
CA ARG A 101 -20.18 19.86 -26.65
C ARG A 101 -21.47 20.69 -26.31
N ALA A 102 -22.03 20.50 -25.12
CA ALA A 102 -23.29 21.15 -24.82
C ALA A 102 -23.03 22.55 -24.27
N SER A 103 -21.84 22.81 -23.69
CA SER A 103 -21.58 24.19 -23.18
C SER A 103 -20.11 24.43 -23.16
N SER A 104 -19.67 25.65 -22.81
CA SER A 104 -18.22 25.95 -22.63
C SER A 104 -17.49 25.07 -21.61
N VAL A 105 -18.22 24.44 -20.68
CA VAL A 105 -17.61 23.59 -19.64
C VAL A 105 -17.93 22.07 -19.72
N SER A 106 -18.52 21.64 -20.83
CA SER A 106 -18.78 20.18 -21.04
C SER A 106 -17.54 19.36 -20.92
N ARG A 107 -17.70 18.16 -20.36
CA ARG A 107 -16.55 17.39 -20.01
C ARG A 107 -16.84 15.92 -19.87
N VAL A 108 -15.85 15.09 -20.27
CA VAL A 108 -15.78 13.64 -19.89
C VAL A 108 -14.64 13.58 -18.89
N VAL A 109 -14.85 12.87 -17.75
CA VAL A 109 -13.98 12.94 -16.53
C VAL A 109 -13.64 11.62 -15.91
N ASP A 110 -12.45 11.60 -15.26
CA ASP A 110 -11.93 10.46 -14.48
C ASP A 110 -11.88 9.27 -15.35
N PRO A 111 -11.15 9.37 -16.50
CA PRO A 111 -11.08 8.23 -17.45
C PRO A 111 -10.54 7.07 -16.66
N THR A 112 -11.25 5.94 -16.67
CA THR A 112 -10.73 4.66 -16.03
C THR A 112 -10.63 3.47 -17.01
N VAL A 113 -9.46 2.83 -17.04
CA VAL A 113 -9.06 2.08 -18.22
C VAL A 113 -8.92 0.64 -17.84
N ILE A 114 -9.58 -0.23 -18.60
CA ILE A 114 -9.28 -1.70 -18.53
C ILE A 114 -8.74 -2.17 -19.88
N VAL A 115 -7.66 -2.92 -19.86
CA VAL A 115 -7.12 -3.58 -21.05
C VAL A 115 -7.52 -5.06 -21.04
N LYS A 116 -7.92 -5.56 -22.19
CA LYS A 116 -8.40 -6.93 -22.35
C LYS A 116 -8.25 -7.29 -23.83
N GLY A 117 -7.29 -8.16 -24.14
CA GLY A 117 -7.05 -8.50 -25.56
C GLY A 117 -6.51 -7.30 -26.33
N ASN A 118 -6.96 -7.08 -27.53
CA ASN A 118 -6.50 -5.85 -28.16
C ASN A 118 -7.41 -4.65 -27.85
N LYS A 119 -8.32 -4.83 -26.90
CA LYS A 119 -9.29 -3.76 -26.56
C LYS A 119 -8.95 -2.94 -25.29
N LEU A 120 -9.28 -1.65 -25.37
CA LEU A 120 -9.16 -0.72 -24.28
C LEU A 120 -10.56 -0.30 -23.85
N TYR A 121 -10.94 -0.61 -22.61
CA TYR A 121 -12.29 -0.19 -22.16
C TYR A 121 -12.21 1.05 -21.27
N VAL A 122 -12.79 2.17 -21.72
CA VAL A 122 -12.66 3.41 -20.96
C VAL A 122 -13.99 3.93 -20.46
N LEU A 123 -14.10 4.03 -19.15
CA LEU A 123 -15.31 4.52 -18.53
C LEU A 123 -15.10 5.96 -18.06
N VAL A 124 -16.06 6.83 -18.39
CA VAL A 124 -15.96 8.19 -17.92
C VAL A 124 -17.28 8.67 -17.47
N GLY A 125 -17.25 9.61 -16.53
CA GLY A 125 -18.42 10.46 -16.24
C GLY A 125 -18.58 11.51 -17.33
N SER A 126 -19.80 11.99 -17.51
CA SER A 126 -20.04 13.04 -18.47
C SER A 126 -21.01 14.09 -17.94
N TYR A 127 -20.60 15.35 -18.13
CA TYR A 127 -21.28 16.54 -17.60
C TYR A 127 -21.44 17.56 -18.71
N ASN A 128 -22.59 18.20 -18.72
CA ASN A 128 -22.93 19.10 -19.76
C ASN A 128 -22.57 20.52 -19.42
N SER A 129 -23.09 21.05 -18.31
CA SER A 129 -22.83 22.46 -18.05
C SER A 129 -22.51 22.89 -16.61
N SER A 130 -22.51 22.00 -15.61
CA SER A 130 -22.25 22.47 -14.24
C SER A 130 -20.81 22.99 -14.05
N ARG A 131 -20.67 23.96 -13.15
CA ARG A 131 -19.40 24.50 -12.76
C ARG A 131 -19.13 24.11 -11.33
N SER A 132 -20.08 23.47 -10.65
CA SER A 132 -19.86 22.91 -9.30
C SER A 132 -19.22 21.51 -9.29
N TYR A 133 -18.48 21.21 -8.23
CA TYR A 133 -17.84 19.87 -8.10
C TYR A 133 -18.91 18.81 -7.90
N TRP A 134 -18.72 17.64 -8.48
CA TRP A 134 -19.81 16.63 -8.56
C TRP A 134 -20.39 16.12 -7.22
N THR A 135 -19.55 16.03 -6.19
CA THR A 135 -19.96 15.55 -4.84
C THR A 135 -20.93 16.52 -4.20
N SER A 136 -21.03 17.74 -4.74
CA SER A 136 -21.87 18.76 -4.14
C SER A 136 -23.21 18.80 -4.83
N HIS A 137 -23.32 18.11 -5.98
CA HIS A 137 -24.59 18.13 -6.78
C HIS A 137 -25.63 17.37 -5.93
N GLY A 138 -26.73 18.04 -5.61
CA GLY A 138 -27.89 17.37 -4.97
C GLY A 138 -28.69 16.43 -5.88
N ASP A 139 -28.39 16.35 -7.19
CA ASP A 139 -29.05 15.33 -8.06
C ASP A 139 -28.25 14.98 -9.32
N ALA A 140 -28.84 14.17 -10.21
CA ALA A 140 -28.15 13.67 -11.43
C ALA A 140 -28.50 14.43 -12.72
N ARG A 141 -29.10 15.62 -12.63
CA ARG A 141 -29.51 16.33 -13.86
C ARG A 141 -28.41 16.50 -14.98
N ASP A 142 -27.21 16.91 -14.62
CA ASP A 142 -26.09 17.15 -15.55
C ASP A 142 -25.17 15.87 -15.85
N TRP A 143 -25.46 14.74 -15.22
CA TRP A 143 -24.53 13.60 -15.21
C TRP A 143 -24.95 12.47 -16.12
N ASP A 144 -23.99 11.79 -16.72
CA ASP A 144 -24.20 10.50 -17.40
C ASP A 144 -22.88 9.72 -17.17
N ILE A 145 -22.94 8.39 -17.36
CA ILE A 145 -21.75 7.51 -17.25
C ILE A 145 -21.61 6.68 -18.55
N LEU A 146 -20.43 6.77 -19.16
CA LEU A 146 -20.27 6.32 -20.57
C LEU A 146 -19.07 5.35 -20.68
N LEU A 147 -19.26 4.24 -21.39
CA LEU A 147 -18.18 3.34 -21.77
C LEU A 147 -17.89 3.53 -23.23
N ALA A 148 -16.67 3.96 -23.56
CA ALA A 148 -16.16 3.88 -24.91
C ALA A 148 -15.13 2.74 -25.02
N VAL A 149 -15.18 2.00 -26.12
CA VAL A 149 -14.28 0.88 -26.36
C VAL A 149 -13.34 1.20 -27.52
N GLY A 150 -12.04 1.22 -27.23
CA GLY A 150 -11.07 1.47 -28.28
C GLY A 150 -10.39 0.19 -28.69
N GLU A 151 -10.27 -0.04 -29.99
CA GLU A 151 -9.66 -1.27 -30.48
C GLU A 151 -8.31 -1.01 -31.14
N VAL A 152 -7.26 -1.70 -30.68
CA VAL A 152 -5.90 -1.55 -31.22
C VAL A 152 -5.56 -2.67 -32.19
N THR A 153 -5.16 -2.32 -33.40
CA THR A 153 -4.62 -3.32 -34.34
C THR A 153 -3.19 -2.97 -34.74
N LYS A 154 -2.41 -3.98 -35.12
CA LYS A 154 -0.95 -3.89 -35.22
C LYS A 154 -0.38 -4.24 -36.57
N SER A 155 0.21 -3.26 -37.25
CA SER A 155 0.82 -3.53 -38.58
C SER A 155 2.34 -3.45 -38.56
N THR A 156 3.01 -4.19 -39.44
CA THR A 156 4.38 -3.84 -39.80
C THR A 156 4.38 -3.36 -41.27
N ALA A 157 3.88 -2.13 -41.46
CA ALA A 157 3.60 -1.51 -42.78
C ALA A 157 4.73 -0.62 -43.33
N GLY A 158 5.11 -0.86 -44.59
CA GLY A 158 6.24 -0.18 -45.23
C GLY A 158 7.59 -0.39 -44.53
N GLY A 159 7.84 -1.61 -44.04
CA GLY A 159 9.10 -1.95 -43.36
C GLY A 159 9.02 -1.96 -41.85
N LYS A 160 8.61 -0.82 -41.27
CA LYS A 160 8.52 -0.58 -39.79
C LYS A 160 7.23 -1.04 -39.08
N ILE A 161 7.35 -1.39 -37.80
CA ILE A 161 6.19 -1.61 -36.90
C ILE A 161 5.35 -0.32 -36.71
N THR A 162 4.09 -0.36 -37.21
CA THR A 162 3.05 0.66 -36.91
C THR A 162 1.84 0.12 -36.11
N ALA A 163 1.02 1.06 -35.62
CA ALA A 163 -0.26 0.73 -34.95
C ALA A 163 -1.25 1.86 -35.12
N SER A 164 -2.52 1.53 -35.01
CA SER A 164 -3.55 2.53 -34.72
C SER A 164 -4.57 1.96 -33.77
N ILE A 165 -5.44 2.89 -33.33
CA ILE A 165 -6.56 2.61 -32.43
C ILE A 165 -7.81 3.27 -32.98
N LYS A 166 -8.81 2.48 -33.31
CA LYS A 166 -10.12 3.04 -33.59
C LYS A 166 -10.96 3.08 -32.31
N TRP A 167 -11.43 4.27 -31.92
CA TRP A 167 -12.36 4.43 -30.79
C TRP A 167 -13.83 4.35 -31.19
N GLY A 168 -14.66 3.64 -30.42
CA GLY A 168 -16.08 3.44 -30.72
C GLY A 168 -16.91 4.61 -30.18
N SER A 169 -18.19 4.66 -30.51
CA SER A 169 -19.04 5.67 -29.89
C SER A 169 -19.26 5.23 -28.46
N PRO A 170 -19.09 6.15 -27.50
CA PRO A 170 -19.38 5.81 -26.10
C PRO A 170 -20.80 5.30 -26.00
N VAL A 171 -21.02 4.40 -25.07
CA VAL A 171 -22.33 3.80 -24.78
C VAL A 171 -22.65 4.02 -23.30
N SER A 172 -23.87 4.52 -23.05
CA SER A 172 -24.32 4.88 -21.71
C SER A 172 -24.64 3.66 -20.90
N LEU A 173 -24.05 3.62 -19.72
CA LEU A 173 -24.24 2.48 -18.83
C LEU A 173 -25.15 2.85 -17.66
N LYS A 174 -25.84 3.96 -17.83
CA LYS A 174 -26.76 4.51 -16.85
C LYS A 174 -27.95 3.60 -16.60
N GLU A 175 -28.35 2.86 -17.63
CA GLU A 175 -29.39 1.85 -17.46
C GLU A 175 -29.02 0.81 -16.38
N PHE A 176 -27.74 0.70 -16.05
CA PHE A 176 -27.26 -0.40 -15.18
C PHE A 176 -27.09 0.04 -13.71
N PHE A 177 -27.53 1.27 -13.46
CA PHE A 177 -27.37 1.92 -12.16
C PHE A 177 -28.70 1.89 -11.40
N PRO A 178 -28.73 1.20 -10.24
CA PRO A 178 -30.02 1.15 -9.52
C PRO A 178 -30.37 2.48 -8.84
N ALA A 179 -31.65 2.76 -8.68
CA ALA A 179 -32.05 4.02 -8.05
C ALA A 179 -31.96 3.89 -6.52
N GLU A 180 -31.98 2.63 -6.04
CA GLU A 180 -31.83 2.32 -4.63
C GLU A 180 -30.60 1.46 -4.42
N MET A 181 -29.89 1.67 -3.28
CA MET A 181 -28.95 0.70 -2.66
C MET A 181 -29.27 0.63 -1.16
N GLU A 182 -28.55 -0.18 -0.41
CA GLU A 182 -29.04 -0.41 0.96
C GLU A 182 -29.01 0.85 1.80
N GLY A 183 -30.20 1.24 2.26
CA GLY A 183 -30.35 2.38 3.14
C GLY A 183 -30.12 3.74 2.50
N MET A 184 -30.20 3.83 1.18
CA MET A 184 -29.87 5.13 0.55
C MET A 184 -30.53 5.34 -0.80
N HIS A 185 -30.54 6.58 -1.28
CA HIS A 185 -30.99 6.83 -2.64
C HIS A 185 -29.79 7.27 -3.48
N THR A 186 -29.57 6.66 -4.64
CA THR A 186 -28.32 6.89 -5.36
C THR A 186 -28.28 8.26 -6.04
N ASN A 187 -27.10 8.73 -6.39
CA ASN A 187 -26.96 10.04 -6.99
C ASN A 187 -26.15 9.89 -8.29
N GLN A 188 -24.83 9.77 -8.20
CA GLN A 188 -24.05 9.68 -9.44
C GLN A 188 -22.94 8.64 -9.17
N PHE A 189 -22.26 8.16 -10.21
CA PHE A 189 -21.06 7.41 -9.96
C PHE A 189 -19.99 7.67 -11.03
N LEU A 190 -18.74 7.41 -10.68
CA LEU A 190 -17.69 7.50 -11.66
C LEU A 190 -16.72 6.41 -11.35
N GLY A 191 -15.84 6.13 -12.35
CA GLY A 191 -14.71 5.23 -12.11
C GLY A 191 -13.78 5.87 -11.10
N GLY A 192 -12.88 5.08 -10.56
CA GLY A 192 -11.90 5.56 -9.61
C GLY A 192 -10.76 6.28 -10.27
N ALA A 193 -10.80 6.36 -11.61
CA ALA A 193 -9.79 6.95 -12.46
C ALA A 193 -8.65 5.90 -12.55
N GLY A 194 -7.53 6.21 -13.21
CA GLY A 194 -6.32 5.31 -13.23
C GLY A 194 -6.57 4.05 -14.05
N VAL A 195 -5.97 2.90 -13.66
CA VAL A 195 -6.17 1.65 -14.44
C VAL A 195 -6.89 0.62 -13.56
N ALA A 196 -7.94 -0.01 -14.13
CA ALA A 196 -8.65 -1.17 -13.49
C ALA A 196 -8.18 -2.50 -14.09
N ILE A 197 -8.91 -3.58 -13.83
CA ILE A 197 -8.43 -4.91 -14.19
C ILE A 197 -9.44 -5.82 -14.93
N VAL A 198 -8.91 -6.86 -15.54
CA VAL A 198 -9.70 -8.03 -15.93
C VAL A 198 -9.46 -9.07 -14.80
N ALA A 199 -10.52 -9.67 -14.25
CA ALA A 199 -10.36 -10.69 -13.21
C ALA A 199 -9.94 -12.01 -13.88
N SER A 200 -9.48 -13.00 -13.07
CA SER A 200 -8.87 -14.20 -13.58
C SER A 200 -9.88 -15.18 -14.12
N ASN A 201 -11.14 -14.84 -13.91
CA ASN A 201 -12.22 -15.49 -14.63
C ASN A 201 -12.65 -14.70 -15.88
N GLY A 202 -11.88 -13.70 -16.28
CA GLY A 202 -12.25 -12.93 -17.45
C GLY A 202 -13.17 -11.71 -17.30
N ASN A 203 -13.73 -11.46 -16.11
CA ASN A 203 -14.63 -10.32 -15.90
C ASN A 203 -13.94 -8.98 -15.99
N LEU A 204 -14.70 -7.96 -16.39
CA LEU A 204 -14.22 -6.61 -16.33
C LEU A 204 -14.60 -6.01 -14.98
N VAL A 205 -13.63 -5.48 -14.26
CA VAL A 205 -13.94 -4.98 -12.91
C VAL A 205 -13.45 -3.58 -12.70
N TYR A 206 -14.41 -2.67 -12.59
CA TYR A 206 -14.17 -1.26 -12.24
C TYR A 206 -14.55 -1.12 -10.77
N PRO A 207 -13.59 -0.62 -9.95
CA PRO A 207 -13.96 -0.07 -8.65
C PRO A 207 -14.46 1.36 -8.89
N VAL A 208 -15.63 1.69 -8.35
CA VAL A 208 -16.24 2.97 -8.66
C VAL A 208 -16.62 3.74 -7.43
N GLN A 209 -16.60 5.07 -7.51
CA GLN A 209 -17.01 5.92 -6.37
C GLN A 209 -18.40 6.37 -6.70
N VAL A 210 -19.28 6.35 -5.68
CA VAL A 210 -20.70 6.61 -5.84
C VAL A 210 -21.17 7.56 -4.76
N THR A 211 -22.07 8.47 -5.09
CA THR A 211 -22.68 9.40 -4.11
C THR A 211 -24.15 9.13 -4.00
N ASN A 212 -24.73 9.45 -2.85
CA ASN A 212 -26.14 9.25 -2.59
C ASN A 212 -26.80 10.63 -2.43
N LYS A 213 -28.08 10.68 -2.13
CA LYS A 213 -28.81 11.95 -2.14
C LYS A 213 -28.49 12.82 -0.90
N LYS A 214 -27.80 12.20 0.04
CA LYS A 214 -27.26 12.84 1.21
C LYS A 214 -25.84 13.35 0.88
N LYS A 215 -25.45 13.26 -0.40
CA LYS A 215 -24.12 13.62 -0.88
C LYS A 215 -22.96 12.91 -0.14
N GLN A 216 -23.20 11.72 0.42
CA GLN A 216 -22.11 10.90 1.00
C GLN A 216 -21.36 10.21 -0.13
N VAL A 217 -20.07 10.00 0.05
CA VAL A 217 -19.33 9.20 -0.93
C VAL A 217 -18.94 7.82 -0.39
N PHE A 218 -18.89 6.82 -1.27
CA PHE A 218 -18.58 5.43 -0.90
C PHE A 218 -18.25 4.64 -2.16
N SER A 219 -17.53 3.53 -2.00
CA SER A 219 -16.99 2.76 -3.13
C SER A 219 -17.68 1.43 -3.37
N LYS A 220 -17.79 1.04 -4.63
CA LYS A 220 -18.40 -0.25 -4.99
C LYS A 220 -17.54 -0.97 -6.02
N ILE A 221 -17.90 -2.20 -6.35
CA ILE A 221 -17.28 -2.90 -7.49
C ILE A 221 -18.33 -3.04 -8.54
N PHE A 222 -18.06 -2.50 -9.73
CA PHE A 222 -18.98 -2.56 -10.85
C PHE A 222 -18.28 -3.46 -11.91
N TYR A 223 -18.94 -4.55 -12.32
CA TYR A 223 -18.31 -5.56 -13.15
C TYR A 223 -19.15 -6.02 -14.33
N SER A 224 -18.55 -6.77 -15.26
CA SER A 224 -19.20 -7.34 -16.47
C SER A 224 -18.64 -8.72 -16.81
N GLU A 225 -19.50 -9.71 -16.96
CA GLU A 225 -19.07 -11.06 -17.37
C GLU A 225 -19.07 -11.25 -18.89
N ASP A 226 -19.50 -10.19 -19.62
CA ASP A 226 -19.80 -10.23 -21.05
C ASP A 226 -19.10 -9.17 -21.92
N GLU A 227 -17.82 -8.94 -21.66
CA GLU A 227 -17.01 -8.08 -22.51
C GLU A 227 -17.57 -6.67 -22.52
N GLY A 228 -18.33 -6.36 -21.45
CA GLY A 228 -18.90 -5.02 -21.30
C GLY A 228 -20.31 -4.71 -21.79
N LYS A 229 -21.04 -5.71 -22.28
CA LYS A 229 -22.40 -5.41 -22.74
C LYS A 229 -23.37 -4.99 -21.59
N THR A 230 -23.15 -5.56 -20.41
CA THR A 230 -24.04 -5.40 -19.25
C THR A 230 -23.22 -5.39 -17.98
N TRP A 231 -23.75 -4.70 -16.96
CA TRP A 231 -23.03 -4.27 -15.75
C TRP A 231 -23.79 -4.47 -14.39
N LYS A 232 -23.04 -4.98 -13.41
CA LYS A 232 -23.58 -5.25 -12.09
C LYS A 232 -22.75 -4.54 -11.03
N PHE A 233 -23.37 -4.32 -9.87
CA PHE A 233 -22.64 -3.87 -8.75
C PHE A 233 -22.54 -5.06 -7.80
N GLY A 234 -21.41 -5.18 -7.12
CA GLY A 234 -21.39 -6.13 -6.03
C GLY A 234 -22.40 -5.64 -5.02
N LYS A 235 -23.03 -6.58 -4.34
CA LYS A 235 -23.88 -6.28 -3.20
C LYS A 235 -23.24 -5.37 -2.11
N GLY A 236 -21.95 -5.49 -1.82
CA GLY A 236 -21.34 -4.77 -0.70
C GLY A 236 -20.80 -3.40 -1.00
N ARG A 237 -20.19 -2.75 -0.02
CA ARG A 237 -19.60 -1.41 -0.23
C ARG A 237 -18.56 -1.08 0.83
N SER A 238 -17.69 -0.11 0.56
CA SER A 238 -16.83 0.47 1.58
C SER A 238 -17.60 1.35 2.58
N ALA A 239 -16.91 1.79 3.64
CA ALA A 239 -17.37 2.85 4.55
C ALA A 239 -17.72 4.09 3.74
N PHE A 240 -18.51 4.99 4.31
CA PHE A 240 -18.70 6.29 3.67
C PHE A 240 -17.38 7.08 3.83
N GLY A 241 -17.15 8.06 2.95
CA GLY A 241 -15.91 8.81 2.99
C GLY A 241 -14.82 8.21 2.10
N CYS A 242 -15.07 7.03 1.52
CA CYS A 242 -14.06 6.35 0.64
C CYS A 242 -14.23 6.65 -0.84
N SER A 243 -13.24 7.31 -1.45
CA SER A 243 -13.37 7.80 -2.85
C SER A 243 -12.24 7.27 -3.76
N GLU A 244 -12.28 7.54 -5.07
CA GLU A 244 -11.24 7.08 -6.03
C GLU A 244 -10.65 5.69 -5.75
N PRO A 245 -11.51 4.67 -5.52
CA PRO A 245 -10.99 3.32 -5.28
C PRO A 245 -10.13 2.86 -6.45
N VAL A 246 -9.09 2.08 -6.12
CA VAL A 246 -8.22 1.47 -7.14
C VAL A 246 -8.00 0.02 -6.71
N ALA A 247 -8.16 -0.96 -7.63
CA ALA A 247 -8.24 -2.39 -7.24
C ALA A 247 -7.33 -3.29 -8.05
N LEU A 248 -6.90 -4.40 -7.43
CA LEU A 248 -6.19 -5.44 -8.11
C LEU A 248 -6.71 -6.77 -7.57
N GLU A 249 -6.31 -7.89 -8.19
CA GLU A 249 -6.65 -9.20 -7.70
C GLU A 249 -5.38 -9.76 -7.11
N TRP A 250 -5.45 -10.33 -5.91
CA TRP A 250 -4.26 -10.98 -5.30
C TRP A 250 -4.75 -12.29 -4.72
N GLU A 251 -4.20 -13.39 -5.21
CA GLU A 251 -4.52 -14.70 -4.64
C GLU A 251 -6.02 -14.93 -4.47
N GLY A 252 -6.76 -14.66 -5.55
CA GLY A 252 -8.21 -14.88 -5.64
C GLY A 252 -9.09 -13.86 -4.92
N LYS A 253 -8.52 -12.85 -4.27
CA LYS A 253 -9.39 -11.78 -3.76
C LYS A 253 -9.24 -10.48 -4.59
N LEU A 254 -10.26 -9.61 -4.58
CA LEU A 254 -10.01 -8.23 -4.99
C LEU A 254 -9.44 -7.44 -3.79
N ILE A 255 -8.35 -6.70 -4.00
CA ILE A 255 -7.91 -5.74 -3.00
C ILE A 255 -8.31 -4.34 -3.53
N ILE A 256 -9.16 -3.65 -2.75
CA ILE A 256 -9.75 -2.31 -3.18
C ILE A 256 -9.19 -1.32 -2.18
N ASN A 257 -8.37 -0.40 -2.65
CA ASN A 257 -7.54 0.48 -1.86
C ASN A 257 -8.21 1.90 -2.07
N THR A 258 -8.74 2.51 -1.03
CA THR A 258 -9.56 3.67 -1.26
C THR A 258 -8.88 4.97 -0.73
N ARG A 259 -9.15 6.10 -1.40
CA ARG A 259 -8.86 7.47 -0.85
C ARG A 259 -9.86 7.86 0.20
N VAL A 260 -9.34 8.46 1.26
CA VAL A 260 -10.16 8.91 2.36
C VAL A 260 -9.62 10.25 2.79
N ASP A 261 -10.39 11.31 2.54
CA ASP A 261 -9.88 12.65 2.75
C ASP A 261 -9.76 12.85 4.22
N TYR A 262 -8.64 13.43 4.64
CA TYR A 262 -8.39 13.77 6.05
C TYR A 262 -8.25 12.51 6.95
N ARG A 263 -8.03 11.34 6.33
CA ARG A 263 -7.82 10.10 7.11
C ARG A 263 -6.78 9.21 6.40
N ARG A 264 -6.46 8.10 7.03
CA ARG A 264 -5.49 7.16 6.51
C ARG A 264 -6.33 6.31 5.60
N ARG A 265 -5.72 5.84 4.52
CA ARG A 265 -6.41 5.11 3.43
C ARG A 265 -6.93 3.76 3.88
N LEU A 266 -8.17 3.45 3.51
CA LEU A 266 -8.79 2.17 3.88
C LEU A 266 -8.67 1.18 2.74
N VAL A 267 -8.17 -0.02 3.05
CA VAL A 267 -8.04 -1.06 2.06
C VAL A 267 -9.01 -2.18 2.42
N TYR A 268 -9.68 -2.75 1.43
CA TYR A 268 -10.67 -3.77 1.64
C TYR A 268 -10.40 -4.97 0.79
N GLU A 269 -10.85 -6.13 1.28
CA GLU A 269 -10.78 -7.32 0.48
C GLU A 269 -12.16 -7.86 0.15
N SER A 270 -12.33 -8.44 -1.03
CA SER A 270 -13.59 -9.08 -1.38
C SER A 270 -13.38 -10.31 -2.24
N SER A 271 -13.81 -11.46 -1.73
CA SER A 271 -13.62 -12.74 -2.41
C SER A 271 -14.76 -13.13 -3.31
N ASP A 272 -15.81 -12.32 -3.43
CA ASP A 272 -16.99 -12.67 -4.21
C ASP A 272 -17.47 -11.52 -5.10
N MET A 273 -16.62 -11.06 -5.99
CA MET A 273 -16.96 -9.85 -6.82
C MET A 273 -17.67 -8.72 -6.08
N GLY A 274 -17.23 -8.38 -4.87
CA GLY A 274 -17.71 -7.22 -4.13
C GLY A 274 -19.05 -7.36 -3.42
N ASN A 275 -19.56 -8.59 -3.36
CA ASN A 275 -20.73 -8.94 -2.55
C ASN A 275 -20.48 -8.77 -1.06
N THR A 276 -19.29 -9.13 -0.60
CA THR A 276 -18.94 -8.85 0.78
C THR A 276 -17.56 -8.19 0.87
N TRP A 277 -17.45 -7.15 1.68
CA TRP A 277 -16.18 -6.44 1.81
C TRP A 277 -15.65 -6.61 3.21
N LEU A 278 -14.41 -7.07 3.39
CA LEU A 278 -13.83 -7.08 4.72
C LEU A 278 -12.64 -6.07 4.72
N GLU A 279 -12.53 -5.24 5.74
CA GLU A 279 -11.34 -4.36 5.80
C GLU A 279 -10.07 -5.21 5.98
N ALA A 280 -9.05 -4.91 5.19
CA ALA A 280 -7.74 -5.64 5.26
C ALA A 280 -6.84 -5.15 6.45
N VAL A 281 -7.36 -5.32 7.65
CA VAL A 281 -6.75 -4.92 8.89
C VAL A 281 -5.37 -5.64 9.13
N GLY A 282 -5.24 -6.82 8.55
CA GLY A 282 -4.05 -7.69 8.81
C GLY A 282 -2.96 -7.35 7.83
N THR A 283 -3.18 -6.47 6.86
CA THR A 283 -2.12 -6.27 5.85
C THR A 283 -1.92 -4.82 5.51
N LEU A 284 -2.78 -4.32 4.62
CA LEU A 284 -2.61 -3.03 4.01
C LEU A 284 -3.56 -1.91 4.44
N SER A 285 -4.57 -2.17 5.27
CA SER A 285 -5.48 -1.09 5.53
C SER A 285 -4.83 -0.16 6.54
N ARG A 286 -5.12 1.15 6.42
CA ARG A 286 -4.56 2.24 7.28
C ARG A 286 -3.00 2.37 7.29
N VAL A 287 -2.35 1.67 6.38
CA VAL A 287 -0.90 1.73 6.22
C VAL A 287 -0.54 3.15 5.70
N TRP A 288 -1.22 3.60 4.66
CA TRP A 288 -0.78 4.81 3.93
C TRP A 288 -1.57 6.07 4.32
N GLY A 289 -0.83 7.12 4.72
CA GLY A 289 -1.43 8.37 5.18
C GLY A 289 -1.43 9.36 4.02
N PRO A 290 -2.47 10.24 3.91
CA PRO A 290 -2.45 11.12 2.73
C PRO A 290 -1.52 12.33 2.84
N SER A 291 -0.92 12.51 4.04
CA SER A 291 -0.08 13.69 4.44
C SER A 291 0.66 13.38 5.73
N PRO A 292 1.71 14.12 6.06
CA PRO A 292 2.46 13.71 7.22
C PRO A 292 1.64 13.40 8.47
N LYS A 293 0.68 14.29 8.75
CA LYS A 293 -0.26 14.12 9.87
C LYS A 293 -1.66 13.60 9.39
N SER A 294 -1.73 12.99 8.20
CA SER A 294 -3.01 12.46 7.68
C SER A 294 -4.24 13.34 8.00
N ASN A 295 -4.10 14.64 7.73
CA ASN A 295 -5.15 15.59 8.04
C ASN A 295 -5.36 16.48 6.86
N GLN A 296 -5.09 15.90 5.68
CA GLN A 296 -5.11 16.60 4.38
C GLN A 296 -5.89 15.79 3.30
N PRO A 297 -6.30 16.43 2.18
CA PRO A 297 -6.89 15.61 1.13
C PRO A 297 -5.95 14.53 0.64
N GLY A 298 -6.51 13.41 0.17
CA GLY A 298 -5.69 12.33 -0.35
C GLY A 298 -5.57 12.45 -1.88
N SER A 299 -5.45 11.28 -2.55
CA SER A 299 -5.07 11.21 -4.00
C SER A 299 -5.56 9.90 -4.70
N GLN A 300 -5.65 9.94 -6.04
CA GLN A 300 -5.69 8.76 -6.91
C GLN A 300 -4.34 8.09 -6.69
N SER A 301 -4.29 6.77 -6.86
CA SER A 301 -3.12 5.93 -6.63
C SER A 301 -3.13 4.87 -7.66
N SER A 302 -1.94 4.57 -8.21
CA SER A 302 -1.70 3.40 -9.07
C SER A 302 -1.44 2.18 -8.15
N PHE A 303 -2.09 1.04 -8.45
CA PHE A 303 -2.16 -0.07 -7.52
C PHE A 303 -2.36 -1.30 -8.37
N THR A 304 -1.27 -2.09 -8.58
CA THR A 304 -1.27 -3.17 -9.50
C THR A 304 -0.44 -4.36 -8.93
N ALA A 305 -0.73 -5.57 -9.44
CA ALA A 305 -0.07 -6.79 -9.11
C ALA A 305 0.68 -7.16 -10.38
N VAL A 306 1.94 -7.55 -10.20
CA VAL A 306 2.81 -7.91 -11.33
C VAL A 306 3.62 -9.08 -10.88
N THR A 307 4.40 -9.66 -11.79
CA THR A 307 5.31 -10.70 -11.42
C THR A 307 6.67 -10.26 -11.84
N ILE A 308 7.51 -10.03 -10.84
CA ILE A 308 8.87 -9.59 -11.08
C ILE A 308 9.84 -10.68 -10.68
N GLU A 309 10.56 -11.15 -11.68
CA GLU A 309 11.54 -12.16 -11.47
C GLU A 309 10.96 -13.33 -10.68
N GLY A 310 9.72 -13.69 -11.04
CA GLY A 310 9.12 -14.92 -10.53
C GLY A 310 8.37 -14.74 -9.23
N MET A 311 8.28 -13.53 -8.73
CA MET A 311 7.44 -13.32 -7.55
C MET A 311 6.28 -12.37 -7.75
N ARG A 312 5.11 -12.82 -7.29
CA ARG A 312 3.91 -12.03 -7.43
C ARG A 312 4.05 -10.87 -6.43
N VAL A 313 4.11 -9.62 -6.87
CA VAL A 313 4.08 -8.53 -5.88
C VAL A 313 3.03 -7.47 -6.25
N MET A 314 2.77 -6.53 -5.33
CA MET A 314 1.96 -5.36 -5.65
C MET A 314 2.80 -4.07 -5.69
N LEU A 315 2.45 -3.14 -6.58
CA LEU A 315 3.07 -1.82 -6.58
C LEU A 315 2.03 -0.69 -6.30
N PHE A 316 2.38 0.27 -5.46
CA PHE A 316 1.46 1.31 -5.03
C PHE A 316 2.19 2.64 -5.06
N THR A 317 1.53 3.69 -5.60
CA THR A 317 2.02 5.04 -5.53
C THR A 317 1.02 5.98 -4.85
N HIS A 318 1.56 6.97 -4.13
CA HIS A 318 0.71 8.00 -3.52
C HIS A 318 1.67 9.11 -3.15
N PRO A 319 1.26 10.39 -3.33
CA PRO A 319 2.07 11.52 -2.91
C PRO A 319 2.18 11.56 -1.41
N LEU A 320 3.29 12.09 -0.93
CA LEU A 320 3.42 12.35 0.50
C LEU A 320 2.74 13.63 0.91
N ASN A 321 2.55 14.60 0.01
CA ASN A 321 1.84 15.82 0.33
C ASN A 321 2.35 16.57 1.61
N PHE A 322 3.67 16.76 1.70
CA PHE A 322 4.26 17.65 2.73
C PHE A 322 3.55 19.01 2.69
N LYS A 323 3.26 19.51 1.49
CA LYS A 323 2.69 20.86 1.32
C LYS A 323 1.27 20.99 1.84
N GLY A 324 0.51 19.89 1.80
CA GLY A 324 -0.90 19.84 2.25
C GLY A 324 -1.80 20.51 1.20
N ARG A 325 -3.11 20.53 1.49
CA ARG A 325 -4.22 20.73 0.53
C ARG A 325 -4.12 19.77 -0.66
N TRP A 326 -4.35 20.25 -1.89
CA TRP A 326 -4.24 19.42 -3.08
C TRP A 326 -2.90 19.54 -3.83
N LEU A 327 -1.97 20.31 -3.24
CA LEU A 327 -0.58 20.40 -3.74
C LEU A 327 0.05 19.00 -3.99
N ARG A 328 0.14 18.13 -2.97
CA ARG A 328 0.38 16.70 -3.20
C ARG A 328 1.77 16.43 -3.89
N ASP A 329 2.78 17.05 -3.29
CA ASP A 329 4.17 16.95 -3.71
C ASP A 329 4.70 15.55 -3.31
N ARG A 330 5.84 15.17 -3.88
CA ARG A 330 6.65 14.00 -3.50
C ARG A 330 5.97 12.64 -3.71
N LEU A 331 5.76 12.24 -4.96
CA LEU A 331 5.20 10.93 -5.30
C LEU A 331 6.16 9.77 -4.93
N ASN A 332 5.68 8.90 -4.03
CA ASN A 332 6.42 7.73 -3.60
C ASN A 332 5.86 6.45 -4.19
N LEU A 333 6.72 5.47 -4.38
CA LEU A 333 6.31 4.18 -4.88
C LEU A 333 6.66 3.16 -3.77
N TRP A 334 5.83 2.16 -3.64
CA TRP A 334 5.94 1.18 -2.58
C TRP A 334 5.89 -0.17 -3.23
N LEU A 335 6.59 -1.13 -2.61
CA LEU A 335 6.54 -2.50 -3.05
C LEU A 335 5.98 -3.35 -1.94
N THR A 336 5.07 -4.26 -2.23
CA THR A 336 4.70 -5.22 -1.21
C THR A 336 4.38 -6.58 -1.76
N ASP A 337 4.65 -7.62 -0.94
CA ASP A 337 4.15 -8.97 -1.17
C ASP A 337 3.02 -9.29 -0.20
N ASN A 338 2.33 -8.26 0.29
CA ASN A 338 1.15 -8.43 1.18
C ASN A 338 1.54 -8.84 2.61
N GLN A 339 2.85 -8.81 2.84
CA GLN A 339 3.49 -9.02 4.13
C GLN A 339 4.41 -7.82 4.52
N ARG A 340 5.55 -7.71 3.82
CA ARG A 340 6.49 -6.62 3.95
C ARG A 340 6.07 -5.44 3.07
N ILE A 341 6.41 -4.23 3.51
CA ILE A 341 6.00 -3.06 2.80
C ILE A 341 7.24 -2.19 2.72
N TYR A 342 7.77 -2.11 1.49
CA TYR A 342 9.04 -1.50 1.23
C TYR A 342 8.85 -0.18 0.47
N ASN A 343 9.40 0.91 1.02
CA ASN A 343 9.40 2.20 0.29
C ASN A 343 10.43 2.21 -0.86
N VAL A 344 10.02 2.11 -2.12
CA VAL A 344 11.03 2.11 -3.20
C VAL A 344 11.70 3.47 -3.14
N GLY A 345 10.94 4.56 -2.96
CA GLY A 345 11.55 5.89 -2.82
C GLY A 345 10.71 6.88 -3.64
N GLN A 346 11.18 8.10 -3.80
CA GLN A 346 10.34 9.15 -4.40
C GLN A 346 10.60 9.14 -5.93
N VAL A 347 9.55 8.91 -6.70
CA VAL A 347 9.62 9.02 -8.21
C VAL A 347 9.68 10.43 -8.82
N SER A 348 8.92 11.37 -8.24
CA SER A 348 8.94 12.75 -8.72
C SER A 348 10.22 13.44 -8.23
N ILE A 349 10.44 14.67 -8.66
CA ILE A 349 11.73 15.34 -8.49
C ILE A 349 11.68 16.60 -7.60
N GLY A 350 12.53 16.56 -6.55
CA GLY A 350 12.63 17.63 -5.56
C GLY A 350 11.27 17.78 -4.89
N ASP A 351 10.78 19.02 -4.80
CA ASP A 351 9.51 19.26 -4.09
C ASP A 351 8.38 19.59 -5.03
N GLU A 352 8.51 19.13 -6.28
CA GLU A 352 7.50 19.52 -7.30
C GLU A 352 6.17 18.96 -6.87
N ASN A 353 5.08 19.60 -7.30
CA ASN A 353 3.73 19.05 -7.07
C ASN A 353 3.49 17.90 -8.02
N SER A 354 3.08 16.75 -7.48
CA SER A 354 2.99 15.51 -8.29
C SER A 354 1.95 14.52 -7.79
N ALA A 355 0.64 14.76 -8.09
CA ALA A 355 -0.54 14.04 -7.51
C ALA A 355 -0.85 12.67 -8.11
N HIS A 356 -1.35 12.58 -9.35
CA HIS A 356 -1.70 11.27 -9.90
C HIS A 356 -0.56 10.61 -10.58
N SER A 357 -0.66 9.29 -10.76
CA SER A 357 0.33 8.55 -11.40
C SER A 357 -0.18 7.22 -11.94
N SER A 358 0.60 6.65 -12.86
CA SER A 358 0.25 5.39 -13.41
C SER A 358 1.53 4.63 -13.61
N VAL A 359 1.68 3.53 -12.91
CA VAL A 359 2.89 2.64 -13.07
C VAL A 359 2.58 1.51 -14.05
N LEU A 360 3.46 1.32 -15.08
CA LEU A 360 3.41 0.20 -15.97
C LEU A 360 4.71 -0.64 -15.93
N TYR A 361 4.55 -1.97 -15.88
CA TYR A 361 5.64 -2.91 -15.94
C TYR A 361 5.52 -3.66 -17.26
N LYS A 362 6.46 -3.45 -18.17
CA LYS A 362 6.30 -4.00 -19.50
C LYS A 362 7.62 -4.56 -19.99
N ASP A 363 7.59 -5.83 -20.37
CA ASP A 363 8.79 -6.51 -20.83
C ASP A 363 9.96 -6.31 -19.89
N ASP A 364 9.66 -6.33 -18.58
CA ASP A 364 10.72 -6.31 -17.60
C ASP A 364 11.45 -4.95 -17.61
N LYS A 365 10.69 -3.87 -17.83
CA LYS A 365 11.15 -2.49 -17.70
C LYS A 365 10.03 -1.84 -16.98
N LEU A 366 10.33 -0.84 -16.15
CA LEU A 366 9.26 -0.17 -15.39
C LEU A 366 9.11 1.28 -15.80
N TYR A 367 7.88 1.76 -15.81
CA TYR A 367 7.55 3.09 -16.33
C TYR A 367 6.47 3.71 -15.46
N CYS A 368 6.47 5.04 -15.40
CA CYS A 368 5.49 5.72 -14.66
C CYS A 368 5.07 7.01 -15.39
N LEU A 369 3.79 7.07 -15.75
CA LEU A 369 3.14 8.31 -16.16
C LEU A 369 2.57 9.09 -14.98
N HIS A 370 3.16 10.24 -14.65
CA HIS A 370 2.64 11.03 -13.55
C HIS A 370 2.47 12.54 -13.82
N GLU A 371 1.55 13.16 -13.08
CA GLU A 371 1.45 14.63 -13.09
C GLU A 371 2.64 15.36 -12.43
N ILE A 372 2.97 16.51 -12.98
CA ILE A 372 3.77 17.52 -12.33
C ILE A 372 2.91 18.77 -12.45
N ASN A 373 2.84 19.52 -11.35
CA ASN A 373 2.06 20.79 -11.33
C ASN A 373 2.82 22.03 -10.82
N SER A 374 2.93 23.05 -11.69
CA SER A 374 3.43 24.32 -11.22
C SER A 374 2.29 25.30 -11.34
N ASN A 375 1.79 25.77 -10.21
CA ASN A 375 0.84 26.91 -10.22
C ASN A 375 -0.47 26.58 -10.95
N GLU A 376 -0.89 25.35 -10.80
CA GLU A 376 -2.12 24.84 -11.39
C GLU A 376 -2.09 24.74 -12.92
N VAL A 377 -0.91 24.43 -13.44
CA VAL A 377 -0.77 24.13 -14.84
C VAL A 377 -0.05 22.79 -14.83
N TYR A 378 -0.73 21.74 -15.32
CA TYR A 378 -0.24 20.37 -15.19
C TYR A 378 0.23 19.86 -16.51
N SER A 379 1.40 19.21 -16.43
CA SER A 379 1.95 18.23 -17.38
C SER A 379 1.96 16.77 -16.80
N LEU A 380 1.98 15.79 -17.69
CA LEU A 380 2.22 14.43 -17.40
C LEU A 380 3.62 14.14 -17.92
N VAL A 381 4.49 13.63 -17.05
CA VAL A 381 5.82 13.25 -17.43
C VAL A 381 5.80 11.78 -17.54
N PHE A 382 6.64 11.27 -18.45
CA PHE A 382 6.82 9.88 -18.70
C PHE A 382 8.26 9.54 -18.26
N ALA A 383 8.36 8.69 -17.23
CA ALA A 383 9.64 8.39 -16.65
C ALA A 383 10.04 6.92 -16.87
N ARG A 384 11.34 6.68 -17.14
CA ARG A 384 11.87 5.31 -17.18
C ARG A 384 12.42 4.97 -15.78
N LEU A 385 11.75 4.08 -15.06
CA LEU A 385 12.12 3.76 -13.72
C LEU A 385 13.08 2.62 -13.75
N VAL A 386 14.30 2.88 -14.20
CA VAL A 386 15.34 1.82 -14.25
C VAL A 386 15.98 1.59 -12.89
N GLY A 387 16.32 2.66 -12.17
CA GLY A 387 17.05 2.46 -10.90
C GLY A 387 16.10 1.81 -9.90
N GLU A 388 14.83 2.19 -10.02
CA GLU A 388 13.79 1.67 -9.18
C GLU A 388 13.54 0.22 -9.40
N LEU A 389 13.51 -0.18 -10.67
CA LEU A 389 13.35 -1.57 -10.94
C LEU A 389 14.57 -2.27 -10.36
N ARG A 390 15.70 -1.60 -10.30
CA ARG A 390 16.91 -2.32 -9.80
C ARG A 390 16.80 -2.53 -8.28
N ILE A 391 16.32 -1.49 -7.61
CA ILE A 391 16.17 -1.57 -6.17
C ILE A 391 15.14 -2.66 -5.86
N ILE A 392 14.05 -2.67 -6.62
CA ILE A 392 13.00 -3.66 -6.45
C ILE A 392 13.47 -5.08 -6.57
N LYS A 393 14.27 -5.36 -7.64
CA LYS A 393 14.74 -6.69 -7.88
C LYS A 393 15.65 -7.12 -6.75
N SER A 394 16.42 -6.17 -6.20
CA SER A 394 17.39 -6.45 -5.11
C SER A 394 16.60 -6.78 -3.81
N VAL A 395 15.67 -5.89 -3.44
CA VAL A 395 14.79 -6.18 -2.30
C VAL A 395 14.07 -7.51 -2.50
N LEU A 396 13.52 -7.78 -3.66
CA LEU A 396 12.89 -9.10 -3.88
C LEU A 396 13.83 -10.34 -3.73
N GLN A 397 15.02 -10.31 -4.35
CA GLN A 397 16.04 -11.37 -4.14
C GLN A 397 16.23 -11.56 -2.62
N SER A 398 16.48 -10.45 -1.91
CA SER A 398 16.51 -10.49 -0.42
C SER A 398 15.32 -11.20 0.22
N TRP A 399 14.11 -10.88 -0.18
CA TRP A 399 12.92 -11.52 0.44
C TRP A 399 12.98 -13.04 0.12
N LYS A 400 13.31 -13.35 -1.13
CA LYS A 400 13.30 -14.70 -1.64
C LYS A 400 14.33 -15.57 -0.87
N ASN A 401 15.51 -14.95 -0.59
CA ASN A 401 16.70 -15.65 0.03
C ASN A 401 16.46 -15.96 1.49
N TRP A 402 15.73 -15.08 2.17
CA TRP A 402 15.58 -15.26 3.59
C TRP A 402 14.46 -16.21 3.83
N ASP A 403 13.43 -16.10 3.03
CA ASP A 403 12.36 -17.08 3.09
C ASP A 403 12.87 -18.50 2.73
N SER A 404 13.73 -18.59 1.73
CA SER A 404 14.26 -19.87 1.29
C SER A 404 15.30 -20.37 2.30
N HIS A 405 16.04 -19.45 2.91
CA HIS A 405 17.08 -19.90 3.81
C HIS A 405 16.44 -20.36 5.10
N LEU A 406 15.46 -19.61 5.59
CA LEU A 406 14.79 -20.03 6.78
C LEU A 406 14.09 -21.37 6.53
N SER A 407 13.37 -21.45 5.41
CA SER A 407 12.56 -22.65 5.11
C SER A 407 13.31 -23.94 4.70
N SER A 408 14.63 -23.88 4.54
CA SER A 408 15.37 -25.10 4.29
C SER A 408 16.12 -25.56 5.51
N ILE A 409 16.11 -24.77 6.57
CA ILE A 409 16.70 -25.22 7.79
C ILE A 409 16.08 -26.55 8.22
N CYS A 410 16.96 -27.53 8.44
CA CYS A 410 16.57 -28.80 9.07
C CYS A 410 16.43 -28.67 10.60
N THR A 411 15.18 -28.56 11.04
CA THR A 411 14.92 -28.30 12.43
C THR A 411 14.95 -29.56 13.23
N PRO A 412 15.37 -29.44 14.47
CA PRO A 412 15.73 -30.71 15.09
C PRO A 412 14.51 -31.57 15.45
N ALA A 413 14.66 -32.89 15.33
CA ALA A 413 13.84 -33.88 16.09
C ALA A 413 13.21 -33.26 17.36
N GLY A 423 15.63 -37.25 10.73
CA GLY A 423 16.44 -36.08 10.52
C GLY A 423 15.72 -34.84 11.00
N CYS A 424 14.68 -34.44 10.26
CA CYS A 424 14.12 -33.06 10.34
C CYS A 424 12.68 -32.92 10.89
N GLY A 425 12.46 -31.98 11.80
CA GLY A 425 11.10 -31.58 12.16
C GLY A 425 10.53 -30.55 11.17
N PRO A 426 9.33 -29.98 11.48
CA PRO A 426 8.68 -28.96 10.61
C PRO A 426 9.53 -27.72 10.30
N ALA A 427 9.36 -27.15 9.10
CA ALA A 427 10.09 -25.96 8.70
C ALA A 427 9.75 -24.75 9.56
N VAL A 428 10.74 -23.89 9.73
CA VAL A 428 10.56 -22.59 10.31
C VAL A 428 9.49 -21.85 9.41
N THR A 429 8.43 -21.34 10.02
CA THR A 429 7.37 -20.69 9.19
C THR A 429 7.82 -19.32 8.67
N THR A 430 7.53 -19.06 7.40
CA THR A 430 7.80 -17.74 6.84
C THR A 430 6.46 -17.09 6.41
N VAL A 431 5.37 -17.85 6.39
CA VAL A 431 4.03 -17.28 6.13
C VAL A 431 3.69 -16.24 7.17
N GLY A 432 3.73 -14.99 6.74
CA GLY A 432 3.39 -13.89 7.62
C GLY A 432 4.61 -13.26 8.33
N LEU A 433 5.82 -13.80 8.16
CA LEU A 433 7.04 -13.16 8.76
C LEU A 433 7.28 -11.86 8.08
N VAL A 434 7.48 -10.79 8.82
CA VAL A 434 7.39 -9.49 8.21
C VAL A 434 8.68 -8.74 8.42
N GLY A 435 9.27 -8.92 9.60
CA GLY A 435 10.51 -8.23 9.95
C GLY A 435 11.36 -9.22 10.73
N PHE A 436 12.68 -8.99 10.71
CA PHE A 436 13.75 -9.95 11.24
C PHE A 436 15.00 -9.21 11.64
N LEU A 437 15.23 -9.11 12.95
CA LEU A 437 16.46 -8.48 13.46
C LEU A 437 17.36 -9.60 13.86
N SER A 438 18.51 -9.58 13.24
CA SER A 438 19.47 -10.63 13.48
C SER A 438 20.88 -10.05 13.55
N HIS A 439 21.76 -10.53 12.66
CA HIS A 439 23.20 -10.34 12.76
C HIS A 439 23.61 -8.94 12.33
N SER A 440 23.04 -8.38 11.24
CA SER A 440 23.45 -7.01 10.79
C SER A 440 23.05 -5.89 11.69
N ALA A 441 24.00 -5.11 12.16
CA ALA A 441 23.58 -3.82 12.78
C ALA A 441 24.62 -2.72 12.60
N THR A 442 24.22 -1.44 12.56
CA THR A 442 25.21 -0.35 12.54
C THR A 442 25.45 0.08 13.96
N LYS A 443 26.23 1.15 14.14
CA LYS A 443 26.44 1.79 15.43
C LYS A 443 25.07 2.19 16.10
N THR A 444 24.09 2.60 15.30
CA THR A 444 22.85 3.05 15.90
C THR A 444 21.54 2.47 15.35
N GLU A 445 21.61 1.46 14.49
CA GLU A 445 20.40 0.77 14.02
C GLU A 445 20.59 -0.72 13.95
N TRP A 446 19.50 -1.43 14.18
CA TRP A 446 19.46 -2.90 14.06
C TRP A 446 18.67 -3.20 12.77
N GLU A 447 19.30 -3.89 11.84
CA GLU A 447 18.77 -3.92 10.49
C GLU A 447 17.75 -5.03 10.28
N ASP A 448 16.62 -4.66 9.67
CA ASP A 448 15.57 -5.57 9.16
C ASP A 448 16.21 -6.34 8.03
N ALA A 449 16.26 -7.64 8.16
CA ALA A 449 16.82 -8.55 7.13
C ALA A 449 15.85 -8.42 5.96
N TYR A 450 14.57 -8.20 6.29
CA TYR A 450 13.58 -7.88 5.19
C TYR A 450 13.65 -6.46 4.64
N ARG A 451 14.49 -5.62 5.24
CA ARG A 451 14.90 -4.34 4.59
C ARG A 451 13.84 -3.27 4.51
N CYS A 452 12.79 -3.41 5.30
CA CYS A 452 11.66 -2.40 5.31
C CYS A 452 11.70 -1.53 6.57
N VAL A 453 11.91 -2.11 7.73
CA VAL A 453 11.88 -1.26 8.96
C VAL A 453 12.98 -1.63 9.94
N ASN A 454 13.98 -0.76 10.09
CA ASN A 454 15.03 -0.97 11.09
C ASN A 454 14.62 -0.60 12.47
N ALA A 455 15.34 -1.11 13.46
CA ALA A 455 15.07 -0.68 14.83
C ALA A 455 16.23 0.27 15.19
N SER A 456 15.94 1.34 15.94
CA SER A 456 17.01 2.23 16.39
C SER A 456 17.55 1.63 17.69
N THR A 457 18.78 1.95 18.03
CA THR A 457 19.35 1.29 19.18
C THR A 457 20.02 2.31 20.05
N ALA A 458 20.27 1.92 21.31
CA ALA A 458 21.17 2.63 22.23
C ALA A 458 21.94 1.64 23.20
N ASN A 459 23.21 1.95 23.46
CA ASN A 459 24.00 1.14 24.34
C ASN A 459 24.00 -0.32 23.87
N ALA A 460 24.30 -0.46 22.60
CA ALA A 460 24.12 -1.69 21.94
C ALA A 460 25.52 -2.11 21.54
N GLU A 461 25.83 -3.35 21.83
CA GLU A 461 27.12 -3.97 21.51
C GLU A 461 26.75 -5.15 20.61
N ARG A 462 27.36 -5.23 19.46
CA ARG A 462 27.00 -6.27 18.56
C ARG A 462 27.56 -7.62 19.05
N VAL A 463 26.70 -8.61 19.11
CA VAL A 463 27.09 -10.00 19.37
C VAL A 463 26.50 -10.78 18.18
N PRO A 464 26.97 -12.02 17.96
CA PRO A 464 26.37 -12.91 16.94
C PRO A 464 24.84 -12.93 16.96
N ASN A 465 24.25 -12.80 15.77
CA ASN A 465 22.79 -12.74 15.62
C ASN A 465 22.01 -11.75 16.47
N GLY A 466 22.68 -10.84 17.16
CA GLY A 466 21.93 -9.71 17.70
C GLY A 466 22.69 -8.66 18.48
N LEU A 467 22.09 -8.16 19.55
CA LEU A 467 22.74 -7.13 20.39
C LEU A 467 22.63 -7.46 21.87
N LYS A 468 23.60 -6.92 22.60
CA LYS A 468 23.73 -6.92 24.06
C LYS A 468 23.53 -5.48 24.53
N PHE A 469 22.57 -5.26 25.43
CA PHE A 469 22.15 -3.91 25.83
C PHE A 469 22.50 -3.65 27.27
N ALA A 470 22.92 -2.44 27.59
CA ALA A 470 23.19 -2.15 29.02
C ALA A 470 22.92 -0.69 29.43
N GLY A 471 22.60 -0.48 30.70
CA GLY A 471 22.54 0.89 31.21
C GLY A 471 21.22 1.60 30.99
N VAL A 472 20.98 2.63 31.81
CA VAL A 472 19.72 3.43 31.69
C VAL A 472 19.56 3.91 30.25
N GLY A 473 18.38 3.71 29.65
CA GLY A 473 18.15 4.10 28.25
C GLY A 473 18.64 3.13 27.16
N GLY A 474 19.32 2.04 27.55
CA GLY A 474 19.59 0.94 26.62
C GLY A 474 18.35 0.30 26.01
N GLY A 475 18.55 -0.37 24.88
CA GLY A 475 17.49 -1.10 24.21
C GLY A 475 17.40 -0.81 22.72
N ALA A 476 16.38 -1.37 22.05
CA ALA A 476 16.07 -1.15 20.64
C ALA A 476 14.62 -0.75 20.49
N LEU A 477 14.37 0.01 19.44
CA LEU A 477 12.99 0.43 19.23
C LEU A 477 12.58 0.13 17.81
N TRP A 478 11.55 -0.68 17.60
CA TRP A 478 11.11 -0.99 16.24
C TRP A 478 9.81 -0.14 16.15
N PRO A 479 9.76 0.84 15.25
CA PRO A 479 8.61 1.74 15.26
C PRO A 479 7.36 1.11 14.63
N VAL A 480 6.22 1.39 15.23
CA VAL A 480 4.93 0.99 14.68
C VAL A 480 4.21 2.27 14.20
N SER A 481 3.31 2.86 15.01
CA SER A 481 2.82 4.25 14.79
C SER A 481 3.92 5.34 14.66
N GLN A 482 4.94 5.25 15.47
CA GLN A 482 6.20 5.91 15.17
C GLN A 482 6.79 5.91 13.71
N GLN A 483 6.35 5.03 12.79
CA GLN A 483 6.84 5.11 11.42
C GLN A 483 6.37 6.38 10.76
N GLY A 484 5.33 6.99 11.31
CA GLY A 484 5.00 8.31 10.83
C GLY A 484 3.80 8.22 9.90
N GLN A 485 3.89 8.90 8.77
CA GLN A 485 2.74 9.09 7.91
C GLN A 485 2.40 7.71 7.36
N ASN A 486 3.41 6.84 7.20
CA ASN A 486 3.18 5.58 6.56
C ASN A 486 3.56 4.49 7.55
N GLN A 487 2.59 3.62 7.88
CA GLN A 487 2.72 2.71 9.04
C GLN A 487 2.57 1.26 8.57
N ARG A 488 3.68 0.68 8.20
CA ARG A 488 3.77 -0.71 7.75
C ARG A 488 3.32 -1.72 8.75
N TYR A 489 3.34 -1.39 10.02
CA TYR A 489 3.13 -2.42 11.03
C TYR A 489 1.77 -2.13 11.67
N HIS A 490 0.90 -1.49 10.94
CA HIS A 490 -0.44 -1.22 11.49
C HIS A 490 -1.17 -2.53 11.79
N PHE A 491 -0.82 -3.59 11.07
CA PHE A 491 -1.39 -4.89 11.37
C PHE A 491 -1.27 -5.25 12.86
N ALA A 492 -0.20 -4.80 13.53
CA ALA A 492 0.12 -5.31 14.89
C ALA A 492 -1.04 -5.00 15.84
N ASN A 493 -1.78 -3.93 15.52
CA ASN A 493 -2.99 -3.51 16.28
C ASN A 493 -4.11 -4.55 16.29
N HIS A 494 -4.08 -5.43 15.30
CA HIS A 494 -5.10 -6.47 15.19
C HIS A 494 -4.56 -7.87 15.52
N ALA A 495 -3.40 -8.27 14.96
CA ALA A 495 -2.67 -9.47 15.46
C ALA A 495 -1.16 -9.33 15.28
N PHE A 496 -0.36 -9.96 16.14
CA PHE A 496 1.09 -10.10 15.85
C PHE A 496 1.74 -11.19 16.65
N THR A 497 2.97 -11.55 16.29
CA THR A 497 3.82 -12.45 17.14
C THR A 497 5.18 -11.88 17.03
N LEU A 498 5.78 -11.67 18.20
CA LEU A 498 7.11 -11.13 18.35
C LEU A 498 7.93 -12.20 19.11
N VAL A 499 9.05 -12.65 18.55
CA VAL A 499 9.80 -13.81 19.07
C VAL A 499 11.23 -13.35 19.26
N ALA A 500 11.95 -13.93 20.21
CA ALA A 500 13.29 -13.47 20.45
C ALA A 500 13.97 -14.36 21.39
N SER A 501 15.27 -14.60 21.15
CA SER A 501 16.08 -15.23 22.16
C SER A 501 16.67 -14.20 23.09
N VAL A 502 16.74 -14.47 24.38
CA VAL A 502 17.29 -13.51 25.37
C VAL A 502 18.10 -14.17 26.44
N THR A 503 18.97 -13.37 27.06
CA THR A 503 19.74 -13.76 28.22
C THR A 503 19.86 -12.52 29.10
N ILE A 504 19.53 -12.73 30.38
CA ILE A 504 19.73 -11.75 31.44
C ILE A 504 21.08 -11.90 32.08
N HIS A 505 21.85 -10.83 32.03
CA HIS A 505 23.21 -10.83 32.56
C HIS A 505 23.31 -10.28 33.92
N GLU A 506 22.27 -9.63 34.38
CA GLU A 506 22.35 -9.14 35.75
C GLU A 506 20.96 -9.06 36.39
N VAL A 507 20.92 -9.34 37.68
CA VAL A 507 19.71 -9.23 38.49
C VAL A 507 19.27 -7.76 38.68
N PRO A 508 18.09 -7.43 38.19
CA PRO A 508 17.76 -6.01 38.20
C PRO A 508 17.41 -5.50 39.61
N LYS A 509 17.42 -4.18 39.79
CA LYS A 509 17.08 -3.61 41.08
C LYS A 509 15.58 -3.60 41.35
N GLY A 510 14.77 -3.50 40.30
CA GLY A 510 13.31 -3.63 40.39
C GLY A 510 12.89 -4.55 39.28
N ALA A 511 11.71 -4.29 38.72
CA ALA A 511 11.29 -4.96 37.50
C ALA A 511 11.84 -4.22 36.27
N SER A 512 12.47 -4.96 35.35
CA SER A 512 13.02 -4.36 34.12
C SER A 512 12.40 -4.98 32.86
N PRO A 513 12.24 -4.20 31.76
CA PRO A 513 11.65 -4.74 30.53
C PRO A 513 12.64 -5.54 29.71
N LEU A 514 12.11 -6.47 28.94
CA LEU A 514 12.93 -7.28 28.12
C LEU A 514 12.39 -7.21 26.68
N LEU A 515 11.09 -6.96 26.51
CA LEU A 515 10.43 -7.05 25.21
C LEU A 515 8.96 -6.71 25.40
N GLY A 516 8.34 -6.01 24.44
CA GLY A 516 6.88 -5.77 24.44
C GLY A 516 6.40 -4.80 23.37
N ALA A 517 5.08 -4.65 23.23
CA ALA A 517 4.44 -3.63 22.39
C ALA A 517 3.93 -2.52 23.29
N SER A 518 4.44 -1.31 23.05
CA SER A 518 4.06 -0.12 23.80
C SER A 518 2.92 0.62 23.07
N LEU A 519 1.97 1.16 23.82
CA LEU A 519 0.93 2.06 23.31
C LEU A 519 1.31 3.52 23.44
N ASP A 520 2.20 3.86 24.35
CA ASP A 520 2.64 5.28 24.34
C ASP A 520 4.14 5.33 23.96
N SER A 521 4.65 6.54 23.82
CA SER A 521 6.02 6.69 23.41
C SER A 521 7.04 6.25 24.47
N SER A 522 6.68 6.22 25.75
CA SER A 522 7.66 5.88 26.79
C SER A 522 7.86 4.40 26.90
N GLY A 523 6.78 3.66 26.77
CA GLY A 523 6.84 2.21 27.01
C GLY A 523 6.15 1.98 28.34
N GLY A 524 5.65 3.06 28.93
CA GLY A 524 5.03 2.99 30.25
C GLY A 524 3.55 2.60 30.25
N LYS A 525 2.92 2.76 29.09
CA LYS A 525 1.58 2.23 28.85
CA LYS A 525 1.58 2.24 28.84
C LYS A 525 1.70 1.11 27.81
N LYS A 526 1.67 -0.13 28.30
CA LYS A 526 1.86 -1.24 27.39
C LYS A 526 0.58 -1.90 26.95
N LEU A 527 0.65 -2.58 25.80
CA LEU A 527 -0.38 -3.50 25.35
C LEU A 527 -0.04 -4.89 25.83
N LEU A 528 1.19 -5.30 25.54
CA LEU A 528 1.65 -6.59 26.04
C LEU A 528 3.16 -6.55 26.20
N GLY A 529 3.68 -6.96 27.34
CA GLY A 529 5.13 -7.02 27.38
C GLY A 529 5.63 -8.08 28.36
N LEU A 530 6.93 -8.25 28.41
CA LEU A 530 7.53 -9.17 29.35
C LEU A 530 8.61 -8.41 30.10
N SER A 531 8.57 -8.41 31.43
CA SER A 531 9.65 -7.87 32.25
C SER A 531 10.18 -9.00 33.11
N TYR A 532 11.27 -8.75 33.85
CA TYR A 532 11.86 -9.66 34.79
C TYR A 532 12.25 -8.88 36.06
N ASP A 533 12.24 -9.53 37.22
CA ASP A 533 12.43 -8.80 38.46
C ASP A 533 13.51 -9.32 39.40
N LYS A 534 13.69 -8.58 40.47
CA LYS A 534 14.74 -8.88 41.41
C LYS A 534 14.61 -10.24 42.10
N ARG A 535 13.46 -10.88 42.02
CA ARG A 535 13.23 -12.16 42.71
C ARG A 535 13.49 -13.36 41.78
N HIS A 536 14.02 -13.08 40.60
CA HIS A 536 14.25 -14.09 39.55
C HIS A 536 12.94 -14.62 38.96
N GLN A 537 11.96 -13.73 38.85
CA GLN A 537 10.66 -14.05 38.25
C GLN A 537 10.39 -13.25 36.99
N TRP A 538 9.42 -13.72 36.20
CA TRP A 538 9.02 -13.02 34.99
C TRP A 538 7.78 -12.18 35.37
N GLN A 539 7.67 -11.00 34.75
CA GLN A 539 6.46 -10.20 34.90
C GLN A 539 5.93 -9.96 33.53
N PRO A 540 5.14 -10.91 33.03
CA PRO A 540 4.40 -10.64 31.81
C PRO A 540 3.36 -9.53 32.14
N ILE A 541 3.13 -8.59 31.23
CA ILE A 541 2.24 -7.45 31.50
C ILE A 541 1.14 -7.43 30.46
N TYR A 542 -0.09 -7.33 30.87
CA TYR A 542 -1.22 -7.52 30.00
C TYR A 542 -2.01 -6.21 30.03
N GLY A 543 -1.85 -5.36 29.01
CA GLY A 543 -2.52 -4.06 29.05
C GLY A 543 -2.16 -3.36 30.35
N SER A 544 -3.19 -2.83 30.94
CA SER A 544 -3.07 -2.18 32.21
C SER A 544 -3.53 -3.05 33.40
N THR A 545 -3.77 -4.36 33.22
CA THR A 545 -4.07 -5.32 34.34
C THR A 545 -3.01 -5.33 35.47
N PRO A 546 -3.42 -5.59 36.75
CA PRO A 546 -2.42 -5.95 37.73
C PRO A 546 -1.39 -6.95 37.17
N VAL A 547 -0.12 -6.60 37.33
CA VAL A 547 0.97 -7.56 37.00
C VAL A 547 1.12 -8.63 38.12
N THR A 548 1.28 -9.88 37.71
CA THR A 548 1.57 -11.02 38.62
C THR A 548 2.91 -11.65 38.12
N PRO A 549 3.99 -11.56 38.93
CA PRO A 549 5.24 -12.34 38.72
C PRO A 549 4.94 -13.84 38.69
N THR A 550 5.63 -14.58 37.82
CA THR A 550 5.43 -16.02 37.66
C THR A 550 6.75 -16.68 37.20
N GLY A 551 6.92 -17.96 37.47
CA GLY A 551 8.04 -18.71 36.97
C GLY A 551 9.34 -18.26 37.64
N SER A 552 10.44 -18.55 36.92
CA SER A 552 11.79 -18.39 37.45
C SER A 552 12.79 -18.52 36.33
N TRP A 553 13.86 -17.75 36.46
CA TRP A 553 14.92 -17.74 35.47
C TRP A 553 16.26 -17.72 36.22
N GLU A 554 17.36 -17.80 35.47
CA GLU A 554 18.69 -17.74 36.07
C GLU A 554 19.57 -16.79 35.32
N MET A 555 20.34 -16.00 36.04
CA MET A 555 21.22 -15.04 35.39
C MET A 555 22.25 -15.80 34.52
N GLY A 556 22.28 -15.62 33.21
CA GLY A 556 23.23 -16.38 32.36
C GLY A 556 22.58 -17.38 31.42
N LYS A 557 21.38 -17.87 31.72
CA LYS A 557 20.76 -18.88 30.86
C LYS A 557 20.02 -18.16 29.76
N ARG A 558 20.15 -18.57 28.51
CA ARG A 558 19.33 -17.91 27.54
C ARG A 558 18.00 -18.62 27.45
N TYR A 559 16.99 -17.84 27.04
CA TYR A 559 15.64 -18.34 26.94
C TYR A 559 15.06 -17.82 25.67
N HIS A 560 14.10 -18.59 25.16
CA HIS A 560 13.24 -18.21 24.02
C HIS A 560 11.93 -17.57 24.51
N VAL A 561 11.53 -16.47 23.87
CA VAL A 561 10.40 -15.70 24.30
C VAL A 561 9.44 -15.43 23.11
N VAL A 562 8.13 -15.66 23.30
CA VAL A 562 7.17 -15.38 22.26
C VAL A 562 6.06 -14.57 22.90
N LEU A 563 5.80 -13.42 22.30
CA LEU A 563 4.59 -12.62 22.53
C LEU A 563 3.60 -12.82 21.35
N THR A 564 2.37 -13.23 21.65
CA THR A 564 1.32 -13.17 20.58
C THR A 564 0.14 -12.35 21.12
N MET A 565 -0.60 -11.77 20.20
CA MET A 565 -1.77 -11.05 20.44
C MET A 565 -2.70 -11.38 19.29
N ALA A 566 -3.90 -11.81 19.62
CA ALA A 566 -4.94 -11.91 18.59
C ALA A 566 -6.24 -12.02 19.29
N ASN A 567 -7.26 -11.47 18.66
CA ASN A 567 -8.60 -11.49 19.17
C ASN A 567 -8.58 -10.81 20.51
N LYS A 568 -7.81 -9.72 20.58
CA LYS A 568 -7.69 -8.91 21.77
C LYS A 568 -7.13 -9.66 22.97
N ILE A 569 -6.39 -10.74 22.72
CA ILE A 569 -5.88 -11.66 23.74
C ILE A 569 -4.39 -11.76 23.61
N GLY A 570 -3.70 -11.42 24.68
CA GLY A 570 -2.23 -11.58 24.72
C GLY A 570 -1.76 -12.85 25.44
N SER A 571 -0.66 -13.46 24.96
CA SER A 571 -0.05 -14.66 25.57
C SER A 571 1.46 -14.52 25.57
N VAL A 572 2.15 -15.07 26.59
CA VAL A 572 3.62 -14.97 26.76
C VAL A 572 4.24 -16.39 26.96
N TYR A 573 5.28 -16.75 26.20
CA TYR A 573 5.87 -18.06 26.25
C TYR A 573 7.32 -17.88 26.60
N ILE A 574 7.81 -18.77 27.45
CA ILE A 574 9.21 -18.93 27.73
C ILE A 574 9.50 -20.32 27.25
N ASP A 575 10.57 -20.50 26.48
CA ASP A 575 11.03 -21.85 26.00
C ASP A 575 9.96 -22.75 25.34
N GLY A 576 8.89 -22.11 24.84
CA GLY A 576 7.86 -22.74 24.02
C GLY A 576 6.57 -23.03 24.79
N GLU A 577 6.50 -22.52 26.02
CA GLU A 577 5.46 -22.93 26.98
C GLU A 577 4.80 -21.73 27.57
N PRO A 578 3.46 -21.70 27.56
CA PRO A 578 2.86 -20.45 28.10
C PRO A 578 3.25 -20.22 29.55
N LEU A 579 3.43 -18.97 29.96
CA LEU A 579 3.48 -18.69 31.39
C LEU A 579 2.14 -19.14 32.04
N GLU A 580 2.17 -19.40 33.36
CA GLU A 580 0.92 -19.66 34.07
C GLU A 580 0.02 -18.38 33.97
N GLY A 581 -1.28 -18.61 33.76
CA GLY A 581 -2.27 -17.54 33.64
C GLY A 581 -2.16 -16.72 32.38
N SER A 582 -1.35 -17.16 31.43
CA SER A 582 -1.27 -16.45 30.18
C SER A 582 -2.52 -16.57 29.30
N GLY A 583 -2.66 -15.67 28.31
CA GLY A 583 -3.83 -15.62 27.49
C GLY A 583 -4.86 -14.78 28.22
N GLN A 584 -4.52 -13.50 28.48
CA GLN A 584 -5.48 -12.51 29.06
C GLN A 584 -5.94 -11.44 28.05
N THR A 585 -7.05 -10.75 28.36
CA THR A 585 -7.50 -9.61 27.54
C THR A 585 -6.61 -8.39 27.67
N VAL A 586 -6.00 -7.98 26.55
CA VAL A 586 -5.14 -6.80 26.47
C VAL A 586 -5.81 -5.56 25.81
N VAL A 587 -6.93 -5.74 25.10
CA VAL A 587 -7.69 -4.63 24.52
C VAL A 587 -9.02 -4.51 25.24
N PRO A 588 -9.13 -3.55 26.17
CA PRO A 588 -10.18 -3.48 27.16
C PRO A 588 -11.48 -2.85 26.74
N ASP A 589 -11.80 -2.84 25.45
CA ASP A 589 -13.09 -2.37 24.97
C ASP A 589 -13.12 -2.53 23.46
N GLU A 590 -14.10 -1.91 22.81
CA GLU A 590 -14.25 -2.06 21.37
C GLU A 590 -13.34 -1.14 20.47
N ARG A 591 -12.48 -0.30 21.08
CA ARG A 591 -11.54 0.56 20.35
C ARG A 591 -10.32 -0.22 19.97
N THR A 592 -9.78 0.10 18.80
CA THR A 592 -8.60 -0.55 18.24
C THR A 592 -7.39 0.09 18.90
N PRO A 593 -6.39 -0.72 19.32
CA PRO A 593 -5.16 -0.11 19.82
C PRO A 593 -4.45 0.69 18.73
N ASP A 594 -3.60 1.61 19.17
CA ASP A 594 -2.66 2.29 18.28
C ASP A 594 -1.29 2.16 18.91
N ILE A 595 -0.63 1.07 18.61
CA ILE A 595 0.73 0.73 19.11
C ILE A 595 1.80 1.72 18.61
N SER A 596 2.62 2.22 19.53
CA SER A 596 3.57 3.23 19.17
C SER A 596 4.78 2.45 18.65
N HIS A 597 5.25 1.44 19.39
CA HIS A 597 6.42 0.68 18.91
C HIS A 597 6.61 -0.58 19.70
N PHE A 598 7.58 -1.39 19.26
CA PHE A 598 8.03 -2.53 20.08
C PHE A 598 9.31 -2.08 20.71
N TYR A 599 9.52 -2.43 21.98
CA TYR A 599 10.76 -2.19 22.70
C TYR A 599 11.42 -3.56 22.90
N VAL A 600 12.74 -3.61 22.82
CA VAL A 600 13.52 -4.84 22.79
C VAL A 600 14.75 -4.56 23.59
N GLY A 601 14.90 -5.28 24.71
CA GLY A 601 16.13 -5.31 25.45
C GLY A 601 16.33 -4.04 26.25
N GLY A 602 15.23 -3.40 26.62
CA GLY A 602 15.29 -2.18 27.37
C GLY A 602 14.20 -1.29 26.80
N TYR A 603 14.03 -0.11 27.33
CA TYR A 603 13.03 0.77 26.71
C TYR A 603 13.53 1.66 25.59
N LYS A 604 14.85 1.72 25.43
CA LYS A 604 15.52 2.71 24.62
C LYS A 604 15.00 4.11 24.96
N ARG A 605 14.84 4.39 26.25
CA ARG A 605 14.52 5.75 26.70
C ARG A 605 15.35 6.02 27.93
N SER A 606 16.12 7.11 27.89
CA SER A 606 16.89 7.59 29.04
C SER A 606 15.98 8.24 30.14
N GLY A 607 14.73 8.55 29.81
CA GLY A 607 13.80 9.09 30.82
C GLY A 607 13.25 7.99 31.72
N MET A 608 13.02 6.82 31.13
CA MET A 608 12.68 5.60 31.85
C MET A 608 13.89 5.09 32.69
N PRO A 609 13.68 4.87 33.99
CA PRO A 609 14.84 4.81 34.89
C PRO A 609 15.38 3.37 35.13
N THR A 610 14.80 2.37 34.43
CA THR A 610 15.24 0.97 34.47
C THR A 610 16.58 0.87 33.76
N ASP A 611 17.34 -0.17 34.07
CA ASP A 611 18.55 -0.52 33.36
C ASP A 611 18.36 -2.01 33.04
N SER A 612 18.08 -2.37 31.78
CA SER A 612 18.08 -3.76 31.39
C SER A 612 19.49 -4.30 30.88
N ARG A 613 20.11 -5.23 31.59
CA ARG A 613 21.36 -5.77 31.13
C ARG A 613 21.25 -7.18 30.56
N VAL A 614 20.95 -7.20 29.26
CA VAL A 614 20.46 -8.38 28.56
C VAL A 614 21.01 -8.40 27.15
N THR A 615 21.06 -9.63 26.60
CA THR A 615 21.38 -9.91 25.16
C THR A 615 20.14 -10.46 24.47
N VAL A 616 19.88 -9.98 23.26
CA VAL A 616 18.68 -10.39 22.55
C VAL A 616 19.08 -10.73 21.13
N ASN A 617 18.63 -11.89 20.65
CA ASN A 617 19.11 -12.50 19.39
C ASN A 617 17.86 -12.75 18.55
N ASN A 618 17.96 -12.56 17.24
CA ASN A 618 16.95 -13.09 16.33
C ASN A 618 15.49 -12.72 16.63
N VAL A 619 15.15 -11.44 16.57
CA VAL A 619 13.76 -10.95 16.83
C VAL A 619 12.93 -11.11 15.57
N LEU A 620 11.89 -11.93 15.59
CA LEU A 620 11.07 -12.09 14.41
C LEU A 620 9.72 -11.42 14.69
N LEU A 621 9.15 -10.78 13.67
CA LEU A 621 7.80 -10.14 13.81
C LEU A 621 6.86 -10.70 12.69
N TYR A 622 5.80 -11.42 13.08
CA TYR A 622 4.85 -12.03 12.13
C TYR A 622 3.53 -11.24 12.23
N ASN A 623 2.72 -11.22 11.16
CA ASN A 623 1.45 -10.46 11.15
C ASN A 623 0.27 -11.33 11.56
N ARG A 624 0.53 -12.35 12.37
CA ARG A 624 -0.49 -13.28 12.87
C ARG A 624 -0.07 -13.89 14.19
N GLN A 625 -0.98 -14.61 14.82
CA GLN A 625 -0.65 -15.39 16.03
C GLN A 625 -0.07 -16.69 15.55
N LEU A 626 1.19 -16.98 15.82
CA LEU A 626 1.69 -18.27 15.42
C LEU A 626 0.96 -19.31 16.23
N ASN A 627 0.91 -20.54 15.71
CA ASN A 627 0.24 -21.61 16.45
C ASN A 627 1.23 -22.44 17.25
N ALA A 628 0.73 -23.39 18.04
CA ALA A 628 1.57 -24.13 19.02
C ALA A 628 2.85 -24.65 18.36
N GLU A 629 2.69 -25.27 17.18
CA GLU A 629 3.76 -26.01 16.52
CA GLU A 629 3.74 -26.02 16.49
C GLU A 629 4.84 -25.12 15.90
N GLU A 630 4.42 -24.03 15.25
CA GLU A 630 5.35 -23.06 14.66
C GLU A 630 6.10 -22.34 15.78
N ILE A 631 5.47 -22.17 16.95
CA ILE A 631 6.16 -21.60 18.13
C ILE A 631 7.21 -22.59 18.70
N ARG A 632 6.83 -23.86 18.76
CA ARG A 632 7.71 -24.94 19.28
C ARG A 632 8.89 -25.18 18.33
N THR A 633 8.66 -25.01 17.02
CA THR A 633 9.71 -25.13 15.98
C THR A 633 10.76 -24.00 16.06
N LEU A 634 10.31 -22.75 16.14
CA LEU A 634 11.21 -21.61 16.35
C LEU A 634 12.01 -21.80 17.64
N PHE A 635 11.37 -22.30 18.69
CA PHE A 635 12.07 -22.50 19.95
C PHE A 635 13.30 -23.39 19.77
N LEU A 636 13.03 -24.60 19.29
CA LEU A 636 14.02 -25.67 19.10
C LEU A 636 15.03 -25.31 17.99
N SER A 637 14.68 -24.28 17.22
CA SER A 637 15.51 -23.88 16.08
C SER A 637 16.25 -22.63 16.33
N GLN A 638 16.04 -22.00 17.47
CA GLN A 638 16.71 -20.72 17.72
C GLN A 638 18.22 -20.69 17.35
N ASP A 639 18.90 -21.80 17.47
CA ASP A 639 20.32 -21.75 17.15
C ASP A 639 20.65 -21.88 15.65
N LEU A 640 19.63 -22.11 14.82
CA LEU A 640 19.85 -22.35 13.42
C LEU A 640 19.40 -21.20 12.52
N ILE A 641 18.64 -20.23 13.06
CA ILE A 641 17.97 -19.25 12.19
C ILE A 641 18.73 -17.95 11.93
N GLY A 642 19.73 -17.64 12.75
CA GLY A 642 20.46 -16.39 12.59
C GLY A 642 21.05 -16.11 11.18
N THR A 643 21.28 -14.84 10.90
CA THR A 643 21.84 -14.41 9.61
C THR A 643 23.36 -14.46 9.49
N GLU A 644 24.00 -14.73 10.63
CA GLU A 644 25.44 -14.62 10.83
C GLU A 644 26.33 -15.22 9.71
N ALA A 645 26.09 -16.48 9.40
CA ALA A 645 26.96 -17.11 8.43
C ALA A 645 26.73 -16.43 7.06
N HIS A 646 25.50 -15.94 6.84
CA HIS A 646 24.97 -15.68 5.48
C HIS A 646 25.02 -14.23 5.00
N MET A 647 26.25 -13.69 4.99
CA MET A 647 26.57 -12.37 4.46
C MET A 647 28.09 -12.17 4.49
C1 GLC B . -12.03 24.04 -2.50
C2 GLC B . -10.53 23.98 -2.90
C3 GLC B . -10.40 23.24 -4.22
C4 GLC B . -10.98 21.80 -4.11
C5 GLC B . -12.42 21.82 -3.53
C6 GLC B . -12.97 20.46 -3.14
O1 GLC B . -12.85 24.68 -3.49
O2 GLC B . -9.83 25.25 -3.00
O3 GLC B . -9.02 23.29 -4.61
O4 GLC B . -11.02 21.15 -5.39
O5 GLC B . -12.51 22.68 -2.37
O6 GLC B . -14.39 20.53 -2.97
C1 GAL B . -9.81 20.45 -5.70
C2 GAL B . -10.19 19.32 -6.64
C3 GAL B . -8.96 18.64 -7.28
C4 GAL B . -8.02 19.66 -7.96
C5 GAL B . -7.70 20.77 -6.92
C6 GAL B . -6.81 21.89 -7.47
O2 GAL B . -10.85 18.33 -5.88
O3 GAL B . -9.45 17.60 -8.15
O4 GAL B . -8.60 20.24 -9.16
O5 GAL B . -8.91 21.35 -6.37
O6 GAL B . -6.30 22.61 -6.38
#